data_6UJ1
#
_entry.id   6UJ1
#
_cell.length_a   123.068
_cell.length_b   123.068
_cell.length_c   118.055
_cell.angle_alpha   90.000
_cell.angle_beta   90.000
_cell.angle_gamma   120.000
#
_symmetry.space_group_name_H-M   'P 31 2 1'
#
loop_
_entity.id
_entity.type
_entity.pdbx_description
1 polymer 'Beta-secretase 2'
2 non-polymer (3S)-3-hydroxy-N-(2-methylpropyl)-N~2~-{[(4S)-17-[(methylsulfonyl)(propyl)amino]-2-oxo-3-azatricyclo[13.3.1.1~6,10~]icosa-1(19),6(20),7,9,15,17-hexaen-4-yl]methyl}-L-norleucinamide
#
_entity_poly.entity_id   1
_entity_poly.type   'polypeptide(L)'
_entity_poly.pdbx_seq_one_letter_code
;MGALARALLLPLLAQWLLRAAPELAPAPFTLPLRVAAATNRVVAPTPGPGTPAERHADGLALALEPALASPAGAANFLAM
VDNLQGDSGRGYYLEMLIGTPPQKLQILVDTGSSNFAVAGTPHSYIDTYFDTERSSTYRSKGFDVTVKYTQGSWTGFVGE
DLVTIPKGFNTSFLVNIATIFESENFFLPGIKWNGILGLAYATLAKPSSSLETFFDSLVTQANIPNVFSMQMCGAGLPVA
GSGTNGGSLVLGGIEPSLYKGDIWYTPIKEEWYYQIEILKLEIGGQSLNLDCREYNADKAIVDSGTTLLRLPQKVFDAVV
EAVARASLIPAFSDGFWTGSQLACWTNSETPWSYFPKISIYLRDENSSRSFRITILPQLYIQPMMGAGLNYECYRFGISP
STNALVIGATVMEGFYVIFDRAQKRVGFAASPCAEIAGAAVSEISGPFSTEDVASNCVPA
;
_entity_poly.pdbx_strand_id   A,B
#
# COMPACT_ATOMS: atom_id res chain seq x y z
N LEU A 78 18.87 19.69 26.95
CA LEU A 78 17.63 20.46 27.08
C LEU A 78 16.71 19.66 28.02
N ALA A 79 15.53 20.22 28.32
CA ALA A 79 14.55 19.53 29.13
C ALA A 79 13.98 18.33 28.42
N MET A 80 14.36 18.13 27.17
CA MET A 80 13.80 17.08 26.34
C MET A 80 14.44 15.73 26.57
N VAL A 81 15.38 15.64 27.49
CA VAL A 81 16.00 14.35 27.75
C VAL A 81 15.14 13.54 28.71
N ASP A 82 15.06 12.24 28.45
CA ASP A 82 14.17 11.31 29.13
C ASP A 82 12.72 11.74 29.06
N ASN A 83 12.35 12.39 27.95
CA ASN A 83 10.97 12.74 27.73
C ASN A 83 10.17 11.57 27.15
N LEU A 84 10.85 10.50 26.73
CA LEU A 84 10.25 9.29 26.20
C LEU A 84 10.14 8.23 27.28
N GLN A 85 9.34 7.22 27.01
CA GLN A 85 9.25 6.12 27.95
C GLN A 85 8.70 4.90 27.23
N GLY A 86 9.37 3.77 27.36
CA GLY A 86 8.92 2.57 26.72
C GLY A 86 10.03 1.61 26.40
N ASP A 87 9.69 0.49 25.79
CA ASP A 87 10.62 -0.55 25.38
C ASP A 87 10.51 -0.84 23.90
N SER A 88 11.30 -1.76 23.41
CA SER A 88 11.25 -2.05 22.01
C SER A 88 10.11 -2.95 21.68
N GLY A 89 9.57 -3.64 22.67
CA GLY A 89 8.49 -4.57 22.36
C GLY A 89 7.22 -3.89 21.87
N ARG A 90 6.80 -2.84 22.56
CA ARG A 90 5.54 -2.18 22.27
C ARG A 90 5.70 -0.71 21.89
N GLY A 91 6.88 -0.10 22.07
CA GLY A 91 7.22 1.15 21.44
C GLY A 91 7.75 2.15 22.44
N TYR A 92 8.02 3.34 21.93
CA TYR A 92 8.48 4.43 22.75
C TYR A 92 7.49 5.52 22.55
N TYR A 93 7.09 6.15 23.64
CA TYR A 93 6.07 7.18 23.62
C TYR A 93 6.48 8.41 24.39
N LEU A 94 5.75 9.47 24.11
CA LEU A 94 6.02 10.77 24.68
C LEU A 94 4.73 11.36 25.22
N GLU A 95 4.85 11.99 26.38
CA GLU A 95 3.71 12.65 27.00
C GLU A 95 3.45 14.01 26.34
N MET A 96 2.22 14.15 25.85
CA MET A 96 1.73 15.35 25.20
C MET A 96 0.46 15.81 25.87
N LEU A 97 0.30 17.14 25.90
CA LEU A 97 -0.91 17.78 26.40
C LEU A 97 -1.69 18.36 25.25
N ILE A 98 -2.98 18.06 25.19
CA ILE A 98 -3.77 18.34 24.00
C ILE A 98 -5.08 19.01 24.36
N GLY A 99 -5.37 20.09 23.66
CA GLY A 99 -6.64 20.76 23.75
C GLY A 99 -6.63 21.83 24.81
N THR A 100 -7.79 22.46 24.94
CA THR A 100 -8.03 23.42 26.00
C THR A 100 -9.31 23.11 26.77
N PRO A 101 -9.21 22.67 28.02
CA PRO A 101 -7.95 22.43 28.73
C PRO A 101 -7.23 21.15 28.23
N PRO A 102 -6.00 20.99 28.72
CA PRO A 102 -5.13 19.93 28.19
C PRO A 102 -5.50 18.53 28.68
N GLN A 103 -5.58 17.62 27.73
CA GLN A 103 -5.76 16.22 28.04
C GLN A 103 -4.41 15.51 27.96
N LYS A 104 -4.08 14.81 29.02
CA LYS A 104 -2.78 14.17 29.15
C LYS A 104 -2.83 12.85 28.41
N LEU A 105 -2.16 12.83 27.26
CA LEU A 105 -2.04 11.66 26.42
C LEU A 105 -0.59 11.27 26.30
N GLN A 106 -0.40 10.02 25.94
CA GLN A 106 0.91 9.40 25.77
C GLN A 106 0.98 8.96 24.33
N ILE A 107 1.97 9.49 23.60
CA ILE A 107 1.97 9.41 22.15
C ILE A 107 3.18 8.63 21.68
N LEU A 108 2.92 7.55 20.97
CA LEU A 108 3.99 6.76 20.38
C LEU A 108 4.72 7.55 19.31
N VAL A 109 6.02 7.52 19.36
CA VAL A 109 6.88 8.21 18.41
C VAL A 109 7.18 7.25 17.27
N ASP A 110 6.95 7.68 16.04
CA ASP A 110 6.89 6.74 14.90
C ASP A 110 7.44 7.48 13.70
N THR A 111 8.65 7.12 13.31
CA THR A 111 9.34 7.64 12.13
C THR A 111 8.97 6.89 10.87
N GLY A 112 8.07 5.92 10.98
CA GLY A 112 7.61 5.13 9.87
C GLY A 112 6.37 5.67 9.24
N SER A 113 5.69 6.56 9.96
CA SER A 113 4.53 7.25 9.41
C SER A 113 4.66 8.72 9.67
N SER A 114 3.76 9.48 9.05
CA SER A 114 3.80 10.94 9.18
C SER A 114 2.41 11.52 9.37
N ASN A 115 1.57 10.77 10.10
CA ASN A 115 0.29 11.23 10.61
C ASN A 115 0.27 11.20 12.13
N PHE A 116 -0.22 12.30 12.70
CA PHE A 116 -0.47 12.48 14.12
C PHE A 116 -1.93 12.26 14.41
N ALA A 117 -2.22 11.38 15.37
CA ALA A 117 -3.55 10.83 15.61
C ALA A 117 -3.63 10.34 17.05
N VAL A 118 -4.85 10.38 17.59
CA VAL A 118 -5.13 9.98 18.95
C VAL A 118 -6.48 9.29 19.01
N ALA A 119 -6.67 8.55 20.08
CA ALA A 119 -7.86 7.78 20.33
C ALA A 119 -9.00 8.67 20.77
N GLY A 120 -9.98 8.92 19.88
CA GLY A 120 -11.08 9.81 20.22
C GLY A 120 -12.24 9.18 20.96
N THR A 121 -12.38 7.86 20.91
CA THR A 121 -13.36 7.09 21.66
C THR A 121 -12.58 6.08 22.50
N PRO A 122 -13.23 5.33 23.38
CA PRO A 122 -12.46 4.46 24.26
C PRO A 122 -12.15 3.12 23.65
N HIS A 123 -11.41 2.31 24.39
CA HIS A 123 -10.78 1.07 23.94
C HIS A 123 -10.20 0.41 25.17
N SER A 124 -9.79 -0.85 25.01
CA SER A 124 -9.53 -1.69 26.17
C SER A 124 -8.07 -1.72 26.62
N TYR A 125 -7.13 -1.70 25.68
CA TYR A 125 -5.74 -1.70 26.08
C TYR A 125 -5.28 -0.33 26.47
N ILE A 126 -5.90 0.65 25.94
CA ILE A 126 -5.64 2.02 26.38
C ILE A 126 -6.55 2.39 27.54
N ASP A 127 -6.05 3.25 28.40
CA ASP A 127 -6.76 3.66 29.61
C ASP A 127 -7.22 5.10 29.58
N THR A 128 -6.66 5.98 28.73
CA THR A 128 -7.19 7.34 28.54
C THR A 128 -7.33 7.67 27.06
N TYR A 129 -8.39 8.42 26.73
CA TYR A 129 -8.69 8.84 25.38
C TYR A 129 -8.88 10.35 25.30
N PHE A 130 -8.98 10.85 24.08
CA PHE A 130 -9.04 12.29 23.85
C PHE A 130 -10.48 12.70 23.57
N ASP A 131 -11.00 13.62 24.40
CA ASP A 131 -12.40 14.07 24.34
C ASP A 131 -12.46 15.43 23.64
N THR A 132 -12.91 15.43 22.38
CA THR A 132 -13.00 16.66 21.60
C THR A 132 -14.08 17.60 22.10
N GLU A 133 -15.10 17.08 22.75
CA GLU A 133 -16.08 17.95 23.39
C GLU A 133 -15.40 18.88 24.44
N ARG A 134 -14.57 18.31 25.32
CA ARG A 134 -13.92 18.98 26.42
C ARG A 134 -12.64 19.74 26.02
N SER A 135 -12.46 20.06 24.75
CA SER A 135 -11.35 20.90 24.32
C SER A 135 -11.95 21.97 23.43
N SER A 136 -11.96 23.20 23.94
CA SER A 136 -12.58 24.33 23.28
C SER A 136 -11.75 24.86 22.14
N THR A 137 -10.47 24.59 22.19
CA THR A 137 -9.53 24.95 21.15
C THR A 137 -9.48 23.92 20.04
N TYR A 138 -10.24 22.84 20.18
CA TYR A 138 -10.44 21.91 19.07
C TYR A 138 -11.27 22.59 17.99
N ARG A 139 -10.97 22.25 16.75
CA ARG A 139 -11.83 22.53 15.62
C ARG A 139 -11.77 21.37 14.64
N SER A 140 -12.91 20.99 14.08
CA SER A 140 -12.95 19.91 13.10
C SER A 140 -12.84 20.47 11.69
N LYS A 141 -12.07 19.75 10.85
CA LYS A 141 -11.74 20.12 9.47
C LYS A 141 -12.77 19.58 8.49
N GLY A 142 -13.65 18.69 8.94
CA GLY A 142 -14.83 18.38 8.18
C GLY A 142 -14.79 17.02 7.53
N PHE A 143 -13.67 16.34 7.60
CA PHE A 143 -13.53 15.08 6.91
C PHE A 143 -12.87 14.04 7.80
N ASP A 144 -13.08 12.79 7.43
CA ASP A 144 -12.43 11.66 8.07
C ASP A 144 -11.31 11.15 7.16
N VAL A 145 -10.43 10.35 7.75
CA VAL A 145 -9.34 9.76 7.01
C VAL A 145 -9.02 8.39 7.59
N THR A 146 -8.59 7.50 6.72
CA THR A 146 -8.16 6.18 7.13
C THR A 146 -6.69 6.00 6.87
N VAL A 147 -5.97 5.47 7.84
CA VAL A 147 -4.55 5.20 7.68
C VAL A 147 -4.35 3.71 7.93
N LYS A 148 -3.65 3.05 7.00
CA LYS A 148 -3.36 1.66 7.07
C LYS A 148 -1.85 1.54 7.16
N TYR A 149 -1.36 0.86 8.18
CA TYR A 149 0.03 0.60 8.48
C TYR A 149 0.29 -0.89 8.26
N THR A 150 1.56 -1.33 8.31
CA THR A 150 1.83 -2.76 8.27
C THR A 150 1.21 -3.47 9.46
N GLN A 151 0.96 -2.73 10.54
CA GLN A 151 0.20 -3.23 11.67
C GLN A 151 -0.99 -2.33 11.94
N GLY A 152 -2.19 -2.94 11.89
CA GLY A 152 -3.44 -2.25 12.14
C GLY A 152 -3.77 -1.14 11.16
N SER A 153 -4.91 -0.49 11.40
CA SER A 153 -5.35 0.69 10.66
C SER A 153 -6.34 1.43 11.54
N TRP A 154 -6.79 2.58 11.06
CA TRP A 154 -7.74 3.35 11.85
C TRP A 154 -8.34 4.45 11.01
N THR A 155 -9.47 4.94 11.48
CA THR A 155 -10.20 6.00 10.81
C THR A 155 -10.59 7.03 11.85
N GLY A 156 -10.44 8.31 11.48
CA GLY A 156 -10.61 9.37 12.44
C GLY A 156 -11.03 10.68 11.79
N PHE A 157 -11.66 11.53 12.63
CA PHE A 157 -11.95 12.91 12.23
C PHE A 157 -10.62 13.65 12.15
N VAL A 158 -10.44 14.42 11.08
CA VAL A 158 -9.27 15.26 10.97
C VAL A 158 -9.65 16.64 11.47
N GLY A 159 -9.32 16.92 12.74
CA GLY A 159 -9.39 18.25 13.29
C GLY A 159 -8.02 18.91 13.38
N GLU A 160 -7.99 20.01 14.13
CA GLU A 160 -6.76 20.60 14.66
C GLU A 160 -7.03 21.16 16.05
N ASP A 161 -5.97 21.25 16.83
CA ASP A 161 -6.05 21.64 18.23
C ASP A 161 -4.66 22.11 18.67
N LEU A 162 -4.59 22.64 19.87
CA LEU A 162 -3.33 23.13 20.41
C LEU A 162 -2.70 22.01 21.22
N VAL A 163 -1.36 21.90 21.09
CA VAL A 163 -0.62 20.81 21.70
C VAL A 163 0.54 21.39 22.47
N THR A 164 0.83 20.83 23.61
CA THR A 164 1.95 21.28 24.40
C THR A 164 2.72 20.08 24.87
N ILE A 165 4.05 20.13 24.68
CA ILE A 165 4.92 19.11 25.15
C ILE A 165 5.61 19.62 26.39
N PRO A 166 5.16 19.25 27.57
CA PRO A 166 5.74 19.81 28.80
C PRO A 166 7.26 19.92 28.79
N LYS A 167 7.91 18.92 28.19
CA LYS A 167 9.37 18.77 28.22
C LYS A 167 9.98 19.40 26.97
N GLY A 168 10.53 20.59 27.13
CA GLY A 168 11.42 21.19 26.14
C GLY A 168 10.92 22.48 25.55
N PHE A 169 9.62 22.76 25.68
CA PHE A 169 9.01 23.86 24.96
C PHE A 169 8.12 24.74 25.83
N ASN A 170 7.19 24.13 26.55
CA ASN A 170 6.27 24.85 27.43
C ASN A 170 5.29 25.72 26.67
N THR A 171 5.38 25.76 25.35
CA THR A 171 4.60 26.61 24.46
C THR A 171 3.53 25.79 23.78
N SER A 172 2.43 26.43 23.38
CA SER A 172 1.36 25.75 22.68
C SER A 172 1.56 25.88 21.18
N PHE A 173 1.32 24.78 20.45
CA PHE A 173 1.42 24.72 19.01
C PHE A 173 0.10 24.26 18.40
N LEU A 174 -0.17 24.75 17.20
CA LEU A 174 -1.43 24.48 16.50
C LEU A 174 -1.12 23.48 15.44
N VAL A 175 -1.70 22.30 15.57
CA VAL A 175 -1.34 21.18 14.72
C VAL A 175 -2.59 20.45 14.27
N ASN A 176 -2.56 19.97 13.03
CA ASN A 176 -3.56 19.01 12.60
C ASN A 176 -3.48 17.79 13.50
N ILE A 177 -4.63 17.13 13.66
CA ILE A 177 -4.77 15.97 14.51
C ILE A 177 -5.94 15.14 14.01
N ALA A 178 -5.78 13.83 14.05
CA ALA A 178 -6.84 12.87 13.75
C ALA A 178 -7.36 12.22 15.02
N THR A 179 -8.65 12.24 15.22
CA THR A 179 -9.25 11.57 16.37
C THR A 179 -9.87 10.26 15.85
N ILE A 180 -9.30 9.15 16.30
CA ILE A 180 -9.67 7.82 15.82
C ILE A 180 -10.98 7.35 16.45
N PHE A 181 -11.96 7.05 15.61
CA PHE A 181 -13.18 6.47 16.09
C PHE A 181 -13.37 5.01 15.69
N GLU A 182 -12.45 4.44 14.89
CA GLU A 182 -12.45 3.01 14.62
C GLU A 182 -11.04 2.55 14.31
N SER A 183 -10.61 1.51 14.99
CA SER A 183 -9.27 0.97 14.90
C SER A 183 -9.35 -0.53 14.77
N GLU A 184 -8.68 -1.07 13.77
CA GLU A 184 -8.56 -2.50 13.59
C GLU A 184 -7.10 -2.83 13.84
N ASN A 185 -6.85 -3.76 14.75
CA ASN A 185 -5.51 -4.22 15.07
C ASN A 185 -4.46 -3.13 15.12
N PHE A 186 -4.82 -1.95 15.63
CA PHE A 186 -3.90 -0.86 15.89
C PHE A 186 -3.52 -0.72 17.35
N PHE A 187 -4.50 -0.84 18.26
CA PHE A 187 -4.24 -0.80 19.70
C PHE A 187 -4.07 -2.22 20.22
N LEU A 188 -2.86 -2.61 20.39
CA LEU A 188 -2.51 -3.96 20.76
C LEU A 188 -2.41 -4.09 22.27
N PRO A 189 -2.41 -5.32 22.78
CA PRO A 189 -2.24 -5.52 24.22
C PRO A 189 -0.85 -5.12 24.70
N GLY A 190 -0.82 -4.54 25.91
CA GLY A 190 0.42 -4.09 26.53
C GLY A 190 0.93 -2.75 26.08
N ILE A 191 0.19 -2.05 25.24
CA ILE A 191 0.60 -0.71 24.87
C ILE A 191 0.29 0.19 26.04
N LYS A 192 1.19 1.10 26.28
CA LYS A 192 1.00 2.11 27.28
C LYS A 192 0.63 3.43 26.65
N TRP A 193 0.55 3.50 25.33
CA TRP A 193 0.27 4.74 24.63
C TRP A 193 -1.15 4.69 24.12
N ASN A 194 -1.60 5.81 23.62
CA ASN A 194 -3.01 5.98 23.27
C ASN A 194 -3.19 6.82 22.04
N GLY A 195 -2.11 7.27 21.43
CA GLY A 195 -2.09 7.84 20.10
C GLY A 195 -0.77 7.52 19.43
N ILE A 196 -0.56 8.08 18.27
CA ILE A 196 0.68 7.93 17.52
C ILE A 196 1.09 9.28 16.99
N LEU A 197 2.41 9.51 16.95
CA LEU A 197 2.92 10.73 16.36
C LEU A 197 3.82 10.39 15.19
N GLY A 198 3.41 10.78 13.99
CA GLY A 198 4.17 10.59 12.78
C GLY A 198 5.20 11.65 12.46
N LEU A 199 6.47 11.19 12.39
CA LEU A 199 7.62 12.07 12.26
C LEU A 199 8.30 11.91 10.92
N ALA A 200 7.60 11.36 9.94
CA ALA A 200 8.15 11.11 8.63
C ALA A 200 7.80 12.27 7.75
N TYR A 201 8.27 12.22 6.50
CA TYR A 201 8.08 13.31 5.53
C TYR A 201 6.63 13.48 5.12
N ALA A 202 6.27 14.67 4.65
CA ALA A 202 4.88 14.91 4.30
C ALA A 202 4.35 13.97 3.22
N THR A 203 5.24 13.41 2.41
CA THR A 203 4.85 12.56 1.30
C THR A 203 3.92 11.46 1.75
N LEU A 204 4.15 10.94 2.96
CA LEU A 204 3.38 9.82 3.51
C LEU A 204 2.10 10.24 4.27
N ALA A 205 1.83 11.55 4.33
CA ALA A 205 0.66 12.02 5.06
C ALA A 205 -0.64 11.62 4.38
N LYS A 206 -1.70 11.49 5.18
CA LYS A 206 -3.02 11.12 4.69
C LYS A 206 -4.05 12.17 5.11
N PRO A 207 -4.93 12.58 4.17
CA PRO A 207 -5.24 11.89 2.92
C PRO A 207 -4.30 12.28 1.77
N SER A 208 -3.47 13.30 2.00
CA SER A 208 -2.53 13.73 0.97
C SER A 208 -1.35 14.45 1.61
N SER A 209 -0.58 15.17 0.81
CA SER A 209 0.60 15.88 1.30
C SER A 209 0.31 17.29 1.85
N SER A 210 -0.96 17.66 1.96
CA SER A 210 -1.33 18.97 2.49
C SER A 210 -1.42 18.94 4.00
N LEU A 211 -1.79 17.79 4.57
CA LEU A 211 -1.86 17.67 6.02
C LEU A 211 -0.45 17.94 6.51
N GLU A 212 -0.29 18.98 7.32
CA GLU A 212 1.03 19.36 7.75
C GLU A 212 1.44 18.58 8.99
N THR A 213 2.62 17.91 8.90
CA THR A 213 2.98 16.98 9.95
C THR A 213 3.21 17.72 11.25
N PHE A 214 3.03 17.00 12.35
CA PHE A 214 3.30 17.58 13.64
C PHE A 214 4.65 18.29 13.59
N PHE A 215 5.70 17.56 13.24
CA PHE A 215 7.03 18.14 13.32
C PHE A 215 7.25 19.29 12.33
N ASP A 216 6.62 19.23 11.15
CA ASP A 216 6.71 20.36 10.23
C ASP A 216 6.11 21.63 10.83
N SER A 217 5.07 21.50 11.64
CA SER A 217 4.48 22.67 12.28
C SER A 217 5.45 23.25 13.31
N LEU A 218 6.04 22.39 14.16
CA LEU A 218 7.00 22.85 15.16
C LEU A 218 8.19 23.57 14.55
N VAL A 219 8.70 23.06 13.43
CA VAL A 219 9.73 23.77 12.70
C VAL A 219 9.26 25.17 12.33
N THR A 220 8.11 25.25 11.63
CA THR A 220 7.59 26.52 11.11
C THR A 220 7.11 27.44 12.21
N GLN A 221 6.63 26.90 13.33
CA GLN A 221 6.06 27.73 14.39
C GLN A 221 7.07 28.11 15.47
N ALA A 222 8.04 27.23 15.81
CA ALA A 222 9.06 27.53 16.82
C ALA A 222 10.38 27.97 16.21
N ASN A 223 10.44 28.15 14.89
CA ASN A 223 11.64 28.55 14.15
C ASN A 223 12.83 27.76 14.68
N ILE A 224 12.56 26.51 15.08
CA ILE A 224 13.62 25.55 15.38
C ILE A 224 14.16 25.04 14.04
N PRO A 225 15.32 24.39 14.06
CA PRO A 225 15.85 23.77 12.86
C PRO A 225 15.13 22.50 12.53
N ASN A 226 15.23 22.11 11.27
CA ASN A 226 14.48 20.95 10.78
C ASN A 226 15.29 19.71 11.03
N VAL A 227 15.28 19.29 12.30
CA VAL A 227 16.11 18.25 12.88
C VAL A 227 15.49 17.68 14.13
N PHE A 228 15.43 16.37 14.23
CA PHE A 228 15.09 15.70 15.46
C PHE A 228 15.98 14.47 15.55
N SER A 229 16.09 13.94 16.76
CA SER A 229 17.06 12.91 17.08
C SER A 229 16.53 12.10 18.24
N MET A 230 16.66 10.80 18.14
CA MET A 230 16.13 9.92 19.16
C MET A 230 17.27 9.22 19.88
N GLN A 231 16.92 8.69 21.02
CA GLN A 231 17.82 7.88 21.75
C GLN A 231 16.94 6.97 22.49
N MET A 232 17.11 5.68 22.36
CA MET A 232 16.24 4.79 23.07
C MET A 232 17.12 3.96 23.92
N CYS A 233 16.89 3.94 25.23
CA CYS A 233 17.73 3.17 26.09
C CYS A 233 17.13 1.92 26.60
N GLY A 234 15.98 1.51 26.09
CA GLY A 234 15.38 0.29 26.58
C GLY A 234 15.86 -0.95 25.91
N ALA A 235 17.11 -1.29 26.13
CA ALA A 235 17.70 -2.44 25.51
C ALA A 235 17.67 -3.64 26.42
N GLY A 236 16.92 -3.55 27.50
CA GLY A 236 16.82 -4.64 28.42
C GLY A 236 15.83 -5.67 27.95
N LEU A 237 14.75 -5.76 28.69
CA LEU A 237 13.66 -6.73 28.55
C LEU A 237 12.29 -6.06 28.61
N PRO A 238 11.41 -6.27 27.61
CA PRO A 238 10.01 -5.86 27.80
C PRO A 238 9.40 -6.43 29.08
N GLY A 243 10.26 -1.88 36.07
CA GLY A 243 9.62 -0.90 35.20
C GLY A 243 10.44 -0.46 34.00
N THR A 244 9.77 0.00 32.96
CA THR A 244 10.42 0.25 31.67
C THR A 244 11.10 1.62 31.64
N ASN A 245 12.43 1.61 31.56
CA ASN A 245 13.21 2.83 31.44
C ASN A 245 13.07 3.29 29.99
N GLY A 246 13.17 4.57 29.73
CA GLY A 246 12.96 5.03 28.39
C GLY A 246 14.09 5.61 27.59
N GLY A 247 13.87 6.80 27.09
CA GLY A 247 14.86 7.45 26.28
C GLY A 247 14.50 8.87 26.01
N SER A 248 15.18 9.48 25.04
CA SER A 248 14.98 10.89 24.76
C SER A 248 14.61 11.18 23.30
N LEU A 249 13.65 12.07 23.13
CA LEU A 249 13.32 12.59 21.82
C LEU A 249 13.64 14.09 21.76
N VAL A 250 14.61 14.45 20.96
CA VAL A 250 15.10 15.82 20.91
C VAL A 250 14.60 16.44 19.61
N LEU A 251 13.82 17.47 19.74
CA LEU A 251 13.21 18.17 18.62
C LEU A 251 13.91 19.50 18.46
N GLY A 252 14.44 19.76 17.28
CA GLY A 252 15.25 20.92 17.02
C GLY A 252 16.74 20.66 16.87
N GLY A 253 17.22 19.48 17.24
CA GLY A 253 18.58 19.11 16.92
C GLY A 253 19.16 17.96 17.71
N ILE A 254 20.41 18.14 18.20
CA ILE A 254 21.19 17.10 18.86
C ILE A 254 21.46 17.48 20.30
N GLU A 255 21.53 16.47 21.14
CA GLU A 255 21.96 16.69 22.52
C GLU A 255 23.22 15.86 22.74
N PRO A 256 24.37 16.51 22.85
CA PRO A 256 25.64 15.79 22.72
C PRO A 256 26.03 14.95 23.92
N SER A 257 25.28 15.04 25.01
CA SER A 257 25.41 14.10 26.10
C SER A 257 24.68 12.78 25.86
N LEU A 258 23.97 12.65 24.76
CA LEU A 258 23.24 11.44 24.44
C LEU A 258 24.00 10.59 23.44
N TYR A 259 25.19 11.03 23.02
CA TYR A 259 26.14 10.17 22.36
C TYR A 259 27.60 10.43 22.75
N LYS A 260 28.43 9.50 22.31
CA LYS A 260 29.87 9.56 22.48
C LYS A 260 30.52 9.25 21.14
N GLY A 261 31.59 9.92 20.84
CA GLY A 261 32.30 9.55 19.65
C GLY A 261 31.98 10.47 18.51
N ASP A 262 32.15 9.95 17.31
CA ASP A 262 31.88 10.71 16.11
C ASP A 262 30.58 10.18 15.48
N ILE A 263 30.00 11.02 14.65
CA ILE A 263 28.73 10.74 14.01
C ILE A 263 29.00 10.46 12.53
N TRP A 264 28.39 9.41 12.04
CA TRP A 264 28.41 9.07 10.63
C TRP A 264 27.05 9.42 10.06
N TYR A 265 27.05 10.10 8.94
CA TYR A 265 25.81 10.50 8.28
C TYR A 265 25.71 9.73 6.98
N THR A 266 24.58 8.92 6.82
CA THR A 266 24.19 8.45 5.48
C THR A 266 23.11 9.37 4.94
N PRO A 267 23.09 9.61 3.64
CA PRO A 267 22.07 10.46 3.07
C PRO A 267 20.72 9.76 2.99
N ILE A 268 19.69 10.62 2.98
CA ILE A 268 18.30 10.21 2.75
C ILE A 268 18.08 10.08 1.25
N LYS A 269 17.86 8.85 0.80
CA LYS A 269 17.67 8.59 -0.62
C LYS A 269 16.33 9.09 -1.15
N GLU A 270 15.30 9.18 -0.31
CA GLU A 270 14.04 9.75 -0.76
C GLU A 270 13.34 10.25 0.48
N GLU A 271 12.96 11.53 0.45
CA GLU A 271 12.38 12.21 1.60
C GLU A 271 10.87 11.99 1.55
N TRP A 272 10.55 10.71 1.83
CA TRP A 272 9.22 10.20 2.16
C TRP A 272 9.22 9.43 3.49
N TYR A 273 9.40 8.12 3.48
CA TYR A 273 9.94 7.43 4.66
C TYR A 273 11.32 8.03 4.89
N TYR A 274 12.04 7.52 5.88
CA TYR A 274 13.42 7.92 6.05
C TYR A 274 14.21 6.80 5.43
N GLN A 275 14.28 6.80 4.11
CA GLN A 275 14.93 5.77 3.31
C GLN A 275 16.39 6.07 3.16
N ILE A 276 17.20 5.07 3.41
CA ILE A 276 18.63 5.19 3.30
C ILE A 276 19.14 4.06 2.42
N GLU A 277 20.41 4.14 2.10
CA GLU A 277 21.00 3.26 1.11
C GLU A 277 21.88 2.23 1.79
N ILE A 278 21.41 1.03 1.81
CA ILE A 278 22.14 -0.08 2.41
C ILE A 278 22.96 -0.74 1.32
N LEU A 279 24.28 -0.76 1.54
CA LEU A 279 25.30 -1.29 0.63
C LEU A 279 25.56 -2.77 0.88
N LYS A 280 25.65 -3.20 2.13
CA LYS A 280 26.03 -4.57 2.42
C LYS A 280 25.40 -5.00 3.72
N LEU A 281 25.36 -6.30 3.89
CA LEU A 281 25.09 -6.94 5.16
C LEU A 281 26.20 -7.96 5.39
N GLU A 282 26.77 -7.93 6.57
CA GLU A 282 27.89 -8.77 6.92
C GLU A 282 27.47 -9.49 8.19
N ILE A 283 27.29 -10.82 8.13
CA ILE A 283 26.84 -11.62 9.27
C ILE A 283 28.02 -12.29 9.93
N GLY A 284 28.49 -11.77 11.06
CA GLY A 284 29.65 -12.30 11.75
C GLY A 284 30.87 -12.39 10.86
N GLY A 285 31.36 -11.24 10.40
CA GLY A 285 32.50 -11.18 9.52
C GLY A 285 32.25 -11.68 8.12
N GLN A 286 31.09 -12.28 7.85
CA GLN A 286 30.84 -13.00 6.61
C GLN A 286 29.81 -12.24 5.79
N SER A 287 30.29 -11.36 4.89
CA SER A 287 29.43 -10.67 3.92
C SER A 287 28.32 -11.60 3.48
N LEU A 288 27.19 -11.07 3.08
CA LEU A 288 26.15 -11.93 2.53
C LEU A 288 26.44 -12.08 1.04
N ASN A 289 26.08 -13.24 0.51
CA ASN A 289 26.24 -13.52 -0.91
C ASN A 289 25.22 -12.77 -1.75
N LEU A 290 24.15 -12.28 -1.12
CA LEU A 290 23.08 -11.58 -1.84
C LEU A 290 23.63 -10.39 -2.61
N ASP A 291 22.93 -10.04 -3.68
CA ASP A 291 23.26 -8.84 -4.43
C ASP A 291 23.02 -7.62 -3.58
N CYS A 292 23.85 -6.60 -3.74
CA CYS A 292 23.62 -5.34 -3.05
C CYS A 292 22.22 -4.79 -3.27
N ARG A 293 21.61 -5.09 -4.42
CA ARG A 293 20.37 -4.43 -4.81
C ARG A 293 19.18 -4.92 -4.00
N GLU A 294 19.23 -6.16 -3.50
CA GLU A 294 18.09 -6.76 -2.81
C GLU A 294 17.85 -6.14 -1.43
N TYR A 295 18.89 -5.53 -0.85
CA TYR A 295 18.78 -4.90 0.46
C TYR A 295 17.91 -3.64 0.38
N ASN A 296 18.00 -2.91 -0.73
CA ASN A 296 17.11 -1.77 -0.97
C ASN A 296 16.01 -2.13 -1.94
N ALA A 297 15.51 -3.37 -1.88
CA ALA A 297 14.65 -3.88 -2.95
C ALA A 297 13.56 -2.89 -3.26
N ASP A 298 12.77 -2.55 -2.26
CA ASP A 298 11.81 -1.47 -2.43
C ASP A 298 12.36 -0.22 -1.74
N LYS A 299 12.62 -0.33 -0.44
CA LYS A 299 13.04 0.77 0.42
C LYS A 299 13.73 0.13 1.61
N ALA A 300 14.67 0.86 2.21
CA ALA A 300 15.32 0.46 3.46
C ALA A 300 15.23 1.64 4.40
N ILE A 301 14.38 1.52 5.41
CA ILE A 301 13.96 2.68 6.15
C ILE A 301 14.24 2.56 7.65
N VAL A 302 14.37 3.73 8.27
CA VAL A 302 14.46 3.85 9.72
C VAL A 302 13.06 4.13 10.25
N ASP A 303 12.56 3.20 11.09
CA ASP A 303 11.17 3.22 11.52
C ASP A 303 11.09 2.97 13.02
N SER A 304 10.92 4.04 13.79
CA SER A 304 10.81 3.85 15.22
C SER A 304 9.55 3.15 15.60
N GLY A 305 8.53 3.16 14.73
CA GLY A 305 7.30 2.44 15.00
C GLY A 305 7.33 0.92 14.84
N THR A 306 8.23 0.41 13.99
CA THR A 306 8.44 -1.02 13.79
C THR A 306 9.38 -1.53 14.86
N THR A 307 8.94 -2.52 15.60
CA THR A 307 9.69 -3.05 16.73
C THR A 307 10.99 -3.70 16.31
N LEU A 308 10.92 -4.57 15.29
CA LEU A 308 12.02 -5.42 14.95
C LEU A 308 12.75 -4.96 13.71
N LEU A 309 13.76 -5.74 13.36
CA LEU A 309 14.48 -5.58 12.10
C LEU A 309 13.81 -6.52 11.13
N ARG A 310 12.99 -5.95 10.27
CA ARG A 310 12.42 -6.67 9.16
C ARG A 310 13.38 -6.65 7.99
N LEU A 311 13.41 -7.77 7.25
CA LEU A 311 14.25 -7.96 6.06
C LEU A 311 13.43 -8.51 4.91
N PRO A 312 13.70 -8.08 3.69
CA PRO A 312 13.06 -8.73 2.56
C PRO A 312 13.22 -10.24 2.67
N GLN A 313 12.16 -10.94 2.27
CA GLN A 313 11.98 -12.35 2.60
C GLN A 313 13.19 -13.18 2.28
N LYS A 314 13.70 -13.06 1.08
CA LYS A 314 14.80 -13.94 0.79
C LYS A 314 16.09 -13.37 1.34
N VAL A 315 16.14 -12.07 1.63
CA VAL A 315 17.29 -11.55 2.37
C VAL A 315 17.28 -12.12 3.78
N PHE A 316 16.13 -12.06 4.44
CA PHE A 316 15.93 -12.71 5.72
C PHE A 316 16.40 -14.15 5.70
N ASP A 317 15.96 -14.90 4.68
CA ASP A 317 16.32 -16.30 4.59
C ASP A 317 17.83 -16.47 4.60
N ALA A 318 18.52 -15.72 3.76
CA ALA A 318 19.97 -15.85 3.74
C ALA A 318 20.54 -15.45 5.06
N VAL A 319 19.96 -14.44 5.66
CA VAL A 319 20.45 -14.00 6.94
C VAL A 319 20.21 -15.09 7.94
N VAL A 320 19.05 -15.70 7.88
CA VAL A 320 18.76 -16.75 8.83
C VAL A 320 19.72 -17.90 8.67
N GLU A 321 20.01 -18.28 7.44
CA GLU A 321 20.93 -19.38 7.24
C GLU A 321 22.29 -19.06 7.79
N ALA A 322 22.76 -17.84 7.56
CA ALA A 322 24.06 -17.47 8.04
C ALA A 322 24.12 -17.58 9.56
N VAL A 323 23.12 -17.07 10.23
CA VAL A 323 23.14 -17.17 11.69
C VAL A 323 23.01 -18.63 12.12
N ALA A 324 22.17 -19.37 11.42
CA ALA A 324 21.95 -20.78 11.71
C ALA A 324 23.20 -21.58 11.47
N ARG A 325 23.94 -21.22 10.43
CA ARG A 325 25.18 -21.90 10.10
C ARG A 325 26.20 -21.76 11.24
N ALA A 326 26.24 -20.60 11.89
CA ALA A 326 27.14 -20.37 13.00
C ALA A 326 26.85 -21.34 14.14
N SER A 327 25.59 -21.66 14.41
CA SER A 327 25.22 -22.61 15.47
C SER A 327 26.01 -23.92 15.35
N PHE A 332 16.33 -24.52 9.61
CA PHE A 332 15.66 -23.79 8.53
C PHE A 332 14.16 -23.98 8.65
N SER A 333 13.43 -22.86 8.60
CA SER A 333 11.97 -22.85 8.51
C SER A 333 11.32 -23.57 9.68
N ASP A 334 11.54 -23.04 10.88
CA ASP A 334 10.90 -23.62 12.06
C ASP A 334 10.57 -22.52 13.05
N GLY A 335 10.03 -22.89 14.20
CA GLY A 335 9.44 -21.91 15.08
C GLY A 335 10.16 -20.75 15.71
N PHE A 336 11.35 -20.95 16.20
CA PHE A 336 12.02 -19.86 16.83
C PHE A 336 12.30 -18.76 15.85
N TRP A 337 12.79 -19.11 14.68
CA TRP A 337 13.13 -18.11 13.69
C TRP A 337 11.90 -17.36 13.27
N THR A 338 10.81 -18.09 13.13
CA THR A 338 9.52 -17.52 12.80
C THR A 338 8.83 -16.89 14.01
N GLY A 339 9.39 -17.04 15.21
CA GLY A 339 8.92 -16.34 16.39
C GLY A 339 7.86 -17.05 17.19
N SER A 340 7.46 -18.25 16.79
CA SER A 340 6.43 -19.01 17.48
C SER A 340 6.95 -19.73 18.70
N GLN A 341 8.24 -19.58 19.02
CA GLN A 341 8.81 -20.17 20.22
C GLN A 341 9.88 -19.25 20.80
N LEU A 342 10.01 -19.33 22.10
CA LEU A 342 11.13 -18.69 22.75
C LEU A 342 12.16 -19.73 23.14
N ALA A 343 13.36 -19.24 23.33
CA ALA A 343 14.44 -20.04 23.87
C ALA A 343 14.81 -19.48 25.22
N CYS A 344 14.93 -20.35 26.21
CA CYS A 344 15.06 -19.95 27.59
C CYS A 344 16.31 -20.53 28.22
N TRP A 345 17.00 -19.69 28.95
CA TRP A 345 18.30 -20.02 29.51
C TRP A 345 18.27 -19.75 31.00
N THR A 346 18.95 -20.56 31.78
CA THR A 346 19.04 -20.21 33.18
C THR A 346 19.70 -18.83 33.11
N ASN A 347 19.40 -17.97 34.06
CA ASN A 347 19.83 -16.59 33.98
C ASN A 347 21.32 -16.36 33.82
N SER A 348 22.10 -17.26 34.37
CA SER A 348 23.53 -17.23 34.29
C SER A 348 24.05 -17.39 32.84
N GLU A 349 23.52 -18.31 32.05
CA GLU A 349 24.06 -18.46 30.70
C GLU A 349 23.50 -17.39 29.78
N THR A 350 24.38 -16.77 29.02
CA THR A 350 23.98 -15.80 28.03
C THR A 350 24.18 -16.42 26.66
N PRO A 351 23.12 -16.53 25.87
CA PRO A 351 23.25 -17.13 24.54
C PRO A 351 23.92 -16.23 23.54
N TRP A 352 24.17 -14.98 23.89
CA TRP A 352 24.56 -14.02 22.88
C TRP A 352 25.85 -14.39 22.21
N SER A 353 26.82 -14.85 23.00
CA SER A 353 28.09 -15.27 22.43
C SER A 353 27.90 -16.39 21.42
N TYR A 354 26.81 -17.15 21.50
CA TYR A 354 26.53 -18.17 20.49
C TYR A 354 26.05 -17.59 19.17
N PHE A 355 25.92 -16.29 19.08
CA PHE A 355 25.41 -15.72 17.88
C PHE A 355 26.42 -14.76 17.31
N PRO A 356 26.19 -14.28 16.10
CA PRO A 356 27.19 -13.38 15.55
C PRO A 356 26.77 -11.94 15.44
N LYS A 357 27.72 -11.02 15.45
CA LYS A 357 27.40 -9.62 15.21
C LYS A 357 26.89 -9.46 13.80
N ILE A 358 25.89 -8.60 13.60
CA ILE A 358 25.38 -8.32 12.28
C ILE A 358 25.76 -6.88 11.96
N SER A 359 26.29 -6.63 10.78
CA SER A 359 26.73 -5.32 10.35
C SER A 359 25.95 -4.86 9.15
N ILE A 360 25.42 -3.65 9.23
CA ILE A 360 24.82 -2.98 8.10
C ILE A 360 25.81 -1.96 7.64
N TYR A 361 26.18 -2.03 6.37
CA TYR A 361 27.12 -1.09 5.78
C TYR A 361 26.27 -0.12 5.00
N LEU A 362 26.45 1.16 5.28
CA LEU A 362 25.63 2.21 4.73
C LEU A 362 26.55 3.19 4.06
N ARG A 363 26.04 3.95 3.11
CA ARG A 363 26.90 4.86 2.37
C ARG A 363 27.15 6.12 3.15
N ASP A 364 28.41 6.54 3.18
CA ASP A 364 28.73 7.84 3.75
C ASP A 364 28.20 8.95 2.84
N GLU A 365 28.23 10.19 3.35
CA GLU A 365 27.76 11.32 2.55
C GLU A 365 28.56 11.48 1.25
N ASN A 366 29.81 11.02 1.17
CA ASN A 366 30.51 10.97 -0.11
C ASN A 366 30.51 9.55 -0.67
N SER A 367 30.12 9.43 -1.94
CA SER A 367 30.01 8.14 -2.60
C SER A 367 31.16 7.20 -2.28
N SER A 368 32.39 7.70 -2.38
CA SER A 368 33.55 6.85 -2.29
C SER A 368 33.59 6.10 -0.97
N ARG A 369 33.06 6.70 0.10
CA ARG A 369 33.16 6.15 1.43
C ARG A 369 31.90 5.39 1.85
N SER A 370 32.04 4.60 2.90
CA SER A 370 30.89 4.00 3.56
C SER A 370 31.25 3.71 5.00
N PHE A 371 30.26 3.24 5.75
CA PHE A 371 30.45 2.92 7.16
C PHE A 371 29.48 1.82 7.53
N ARG A 372 29.63 1.34 8.75
CA ARG A 372 28.86 0.19 9.14
C ARG A 372 28.40 0.41 10.56
N ILE A 373 27.15 0.06 10.79
CA ILE A 373 26.56 0.04 12.10
C ILE A 373 26.34 -1.42 12.42
N THR A 374 26.83 -1.82 13.57
CA THR A 374 26.88 -3.22 13.96
C THR A 374 26.05 -3.37 15.22
N ILE A 375 25.06 -4.24 15.17
CA ILE A 375 24.30 -4.52 16.32
C ILE A 375 24.79 -5.89 16.71
N LEU A 376 25.10 -6.09 17.97
CA LEU A 376 25.51 -7.39 18.47
C LEU A 376 24.31 -8.26 18.84
N PRO A 377 24.53 -9.50 19.25
CA PRO A 377 23.40 -10.40 19.52
C PRO A 377 22.51 -9.89 20.62
N GLN A 378 23.03 -9.01 21.45
CA GLN A 378 22.25 -8.49 22.57
C GLN A 378 21.03 -7.75 22.06
N LEU A 379 21.18 -7.05 20.96
CA LEU A 379 20.08 -6.28 20.44
C LEU A 379 19.03 -7.11 19.75
N TYR A 380 19.43 -8.08 18.95
CA TYR A 380 18.46 -8.93 18.22
C TYR A 380 18.02 -10.23 18.86
N ILE A 381 18.61 -10.62 19.95
CA ILE A 381 18.12 -11.73 20.74
C ILE A 381 17.43 -11.07 21.92
N GLN A 382 16.09 -10.98 21.87
CA GLN A 382 15.29 -10.13 22.75
C GLN A 382 14.67 -10.89 23.89
N PRO A 383 14.81 -10.42 25.13
CA PRO A 383 14.43 -11.23 26.29
C PRO A 383 12.99 -11.23 26.78
N MET A 384 12.14 -10.34 26.31
CA MET A 384 10.73 -10.50 26.63
C MET A 384 10.44 -10.94 28.07
N LEU A 389 13.16 -13.88 39.58
CA LEU A 389 13.43 -14.36 38.23
C LEU A 389 14.86 -14.87 38.11
N ASN A 390 15.02 -16.20 38.00
CA ASN A 390 16.34 -16.81 37.85
C ASN A 390 16.51 -17.53 36.51
N TYR A 391 15.64 -17.24 35.55
CA TYR A 391 15.87 -17.66 34.18
C TYR A 391 15.40 -16.55 33.27
N GLU A 392 15.74 -16.67 31.99
CA GLU A 392 15.33 -15.66 31.02
C GLU A 392 15.05 -16.34 29.70
N CYS A 393 14.07 -15.78 28.99
CA CYS A 393 13.40 -16.46 27.89
C CYS A 393 13.38 -15.45 26.76
N TYR A 394 14.06 -15.77 25.65
CA TYR A 394 14.31 -14.79 24.61
C TYR A 394 13.65 -15.18 23.29
N ARG A 395 13.61 -14.21 22.39
CA ARG A 395 13.10 -14.42 21.04
C ARG A 395 14.07 -13.91 20.00
N PHE A 396 14.04 -14.52 18.82
CA PHE A 396 14.88 -14.12 17.69
C PHE A 396 14.20 -12.87 17.22
N GLY A 397 14.89 -11.66 17.10
CA GLY A 397 14.41 -10.31 16.91
C GLY A 397 14.57 -9.81 15.50
N ILE A 398 14.42 -10.71 14.55
CA ILE A 398 14.46 -10.36 13.16
C ILE A 398 13.27 -11.08 12.53
N SER A 399 12.50 -10.41 11.71
CA SER A 399 11.38 -11.01 11.04
C SER A 399 11.47 -10.68 9.56
N PRO A 400 10.73 -11.40 8.74
CA PRO A 400 10.78 -11.17 7.30
C PRO A 400 9.68 -10.28 6.79
N SER A 401 10.09 -9.41 5.89
CA SER A 401 9.24 -8.49 5.19
C SER A 401 9.01 -8.93 3.76
N THR A 402 7.93 -8.41 3.18
CA THR A 402 7.59 -8.67 1.79
C THR A 402 8.28 -7.69 0.82
N ASN A 403 8.22 -6.38 1.07
CA ASN A 403 8.72 -5.37 0.14
C ASN A 403 9.93 -4.60 0.66
N ALA A 404 9.81 -4.07 1.88
CA ALA A 404 10.75 -3.14 2.48
C ALA A 404 11.63 -3.78 3.55
N LEU A 405 12.77 -3.15 3.79
CA LEU A 405 13.72 -3.52 4.82
C LEU A 405 13.63 -2.48 5.91
N VAL A 406 13.23 -2.88 7.12
CA VAL A 406 12.97 -1.90 8.14
C VAL A 406 13.96 -2.05 9.27
N ILE A 407 14.75 -1.02 9.47
CA ILE A 407 15.55 -0.79 10.65
C ILE A 407 14.64 -0.31 11.76
N GLY A 408 14.01 -1.27 12.43
CA GLY A 408 13.10 -0.95 13.50
C GLY A 408 13.85 -0.49 14.74
N ALA A 409 13.08 -0.35 15.82
CA ALA A 409 13.63 0.17 17.07
C ALA A 409 14.65 -0.77 17.68
N THR A 410 14.54 -2.06 17.42
CA THR A 410 15.50 -2.97 17.99
C THR A 410 16.89 -2.68 17.46
N VAL A 411 17.01 -2.17 16.25
CA VAL A 411 18.29 -1.79 15.71
C VAL A 411 18.67 -0.42 16.18
N MET A 412 17.65 0.45 16.32
CA MET A 412 17.84 1.82 16.80
C MET A 412 18.16 2.02 18.26
N GLU A 413 18.00 0.97 19.05
CA GLU A 413 18.27 1.03 20.47
C GLU A 413 19.72 1.02 20.74
N GLY A 414 20.46 0.43 19.85
CA GLY A 414 21.90 0.36 19.94
C GLY A 414 22.51 1.74 19.76
N PHE A 415 21.85 2.64 19.03
CA PHE A 415 22.43 3.96 18.76
C PHE A 415 21.58 5.22 19.04
N TYR A 416 22.23 6.35 18.95
CA TYR A 416 21.61 7.66 18.94
C TYR A 416 21.41 7.97 17.48
N VAL A 417 20.16 8.19 17.07
CA VAL A 417 19.80 8.46 15.69
C VAL A 417 19.41 9.92 15.49
N ILE A 418 20.03 10.54 14.50
CA ILE A 418 19.76 11.92 14.13
C ILE A 418 19.06 11.95 12.80
N PHE A 419 17.90 12.60 12.74
CA PHE A 419 17.12 12.73 11.52
C PHE A 419 17.29 14.18 11.05
N ASP A 420 18.35 14.42 10.29
CA ASP A 420 18.67 15.76 9.82
C ASP A 420 17.91 15.90 8.51
N ARG A 421 16.70 16.44 8.60
CA ARG A 421 15.89 16.69 7.41
C ARG A 421 16.41 17.85 6.59
N ALA A 422 17.25 18.70 7.16
CA ALA A 422 17.62 19.90 6.43
C ALA A 422 18.78 19.68 5.49
N GLN A 423 19.67 18.77 5.84
CA GLN A 423 20.76 18.34 4.97
C GLN A 423 20.49 16.94 4.43
N LYS A 424 19.26 16.47 4.57
CA LYS A 424 18.83 15.18 4.02
C LYS A 424 19.85 14.11 4.37
N ARG A 425 19.85 13.76 5.66
CA ARG A 425 20.74 12.73 6.14
C ARG A 425 20.21 12.12 7.41
N VAL A 426 20.65 10.89 7.66
CA VAL A 426 20.38 10.19 8.91
C VAL A 426 21.72 9.91 9.58
N GLY A 427 21.86 10.40 10.80
CA GLY A 427 23.10 10.32 11.55
C GLY A 427 23.03 9.21 12.59
N PHE A 428 24.15 8.56 12.75
CA PHE A 428 24.25 7.45 13.67
C PHE A 428 25.49 7.67 14.51
N ALA A 429 25.41 7.30 15.79
CA ALA A 429 26.49 7.45 16.74
C ALA A 429 26.25 6.46 17.88
N ALA A 430 27.29 6.11 18.62
CA ALA A 430 27.15 5.16 19.72
C ALA A 430 26.33 5.72 20.86
N SER A 431 25.48 4.96 21.47
CA SER A 431 24.68 5.53 22.53
C SER A 431 25.14 5.10 23.85
N PRO A 432 25.56 6.04 24.69
CA PRO A 432 26.03 5.65 26.02
C PRO A 432 25.09 4.84 26.85
N CYS A 433 23.81 5.09 26.78
CA CYS A 433 22.89 4.32 27.58
C CYS A 433 22.62 2.99 26.99
N ALA A 434 23.15 2.72 25.82
CA ALA A 434 22.90 1.44 25.24
C ALA A 434 24.02 0.59 25.70
N GLU A 435 23.95 0.15 26.95
CA GLU A 435 25.07 -0.58 27.57
C GLU A 435 24.44 -1.45 28.65
N ILE A 436 24.15 -2.70 28.29
CA ILE A 436 23.81 -3.70 29.29
C ILE A 436 25.09 -4.08 30.05
N ALA A 437 25.02 -4.03 31.38
CA ALA A 437 26.16 -4.35 32.22
C ALA A 437 27.33 -3.41 31.94
N GLY A 438 27.02 -2.22 31.47
CA GLY A 438 28.06 -1.25 31.24
C GLY A 438 29.03 -1.60 30.15
N ALA A 439 28.67 -2.54 29.29
CA ALA A 439 29.45 -2.86 28.09
C ALA A 439 28.70 -2.46 26.82
N ALA A 440 29.46 -2.18 25.76
CA ALA A 440 28.87 -1.70 24.52
C ALA A 440 28.10 -2.80 23.78
N VAL A 441 26.82 -2.57 23.45
CA VAL A 441 26.04 -3.57 22.76
C VAL A 441 25.94 -3.28 21.26
N SER A 442 26.65 -2.28 20.79
CA SER A 442 26.62 -1.94 19.40
C SER A 442 27.88 -1.20 19.07
N GLU A 443 28.27 -1.22 17.82
CA GLU A 443 29.48 -0.52 17.45
C GLU A 443 29.26 0.13 16.11
N ILE A 444 30.09 1.12 15.86
CA ILE A 444 30.01 1.93 14.65
C ILE A 444 31.44 2.24 14.24
N SER A 445 31.73 2.01 12.98
CA SER A 445 33.08 1.97 12.46
C SER A 445 33.02 2.50 11.05
N GLY A 446 34.10 3.10 10.61
CA GLY A 446 34.19 3.66 9.30
C GLY A 446 35.55 4.30 9.14
N PRO A 447 35.94 4.65 7.91
CA PRO A 447 35.34 4.45 6.58
C PRO A 447 35.71 3.16 5.82
N PHE A 448 35.37 3.11 4.53
CA PHE A 448 35.42 1.89 3.73
C PHE A 448 35.28 2.28 2.25
N SER A 449 35.61 1.35 1.35
CA SER A 449 35.62 1.65 -0.08
C SER A 449 34.53 0.94 -0.87
N THR A 450 33.87 1.68 -1.73
CA THR A 450 32.74 1.20 -2.48
C THR A 450 33.08 0.86 -3.92
N ALA A 454 29.55 -1.27 -5.43
CA ALA A 454 28.71 -0.89 -6.56
C ALA A 454 28.48 0.62 -6.68
N SER A 455 27.96 1.03 -7.83
CA SER A 455 27.84 2.44 -8.23
C SER A 455 26.57 3.07 -7.66
N ASN A 456 25.44 2.33 -7.70
CA ASN A 456 24.16 2.70 -7.09
C ASN A 456 23.41 1.41 -6.76
N CYS A 457 22.72 1.38 -5.60
CA CYS A 457 22.02 0.17 -5.17
C CYS A 457 20.54 0.39 -4.87
N VAL A 458 19.98 1.51 -5.29
CA VAL A 458 18.57 1.79 -5.07
C VAL A 458 17.86 1.68 -6.41
N PRO A 459 17.00 0.67 -6.61
CA PRO A 459 16.26 0.60 -7.88
C PRO A 459 15.01 1.48 -7.88
N PHE B 77 -31.62 3.53 -19.96
CA PHE B 77 -31.23 2.12 -19.91
C PHE B 77 -30.94 1.52 -21.31
N LEU B 78 -31.92 1.56 -22.21
CA LEU B 78 -31.68 1.16 -23.59
C LEU B 78 -30.59 2.04 -24.22
N ALA B 79 -30.52 3.31 -23.78
CA ALA B 79 -29.55 4.27 -24.27
C ALA B 79 -28.15 4.00 -23.73
N MET B 80 -28.03 3.23 -22.69
CA MET B 80 -26.70 3.00 -22.18
C MET B 80 -25.84 2.09 -23.12
N VAL B 81 -26.22 1.85 -24.36
CA VAL B 81 -25.53 0.89 -25.21
C VAL B 81 -24.47 1.60 -26.04
N ASP B 82 -23.33 0.94 -26.24
CA ASP B 82 -22.24 1.52 -27.02
C ASP B 82 -21.92 2.92 -26.51
N ASN B 83 -22.08 3.12 -25.18
CA ASN B 83 -21.65 4.34 -24.53
C ASN B 83 -20.17 4.29 -24.17
N LEU B 84 -19.60 3.11 -24.09
CA LEU B 84 -18.19 2.95 -23.77
C LEU B 84 -17.38 2.95 -25.05
N GLN B 85 -16.12 3.31 -24.90
CA GLN B 85 -15.16 3.38 -25.99
C GLN B 85 -13.78 3.11 -25.42
N GLY B 86 -13.06 2.16 -26.02
CA GLY B 86 -11.67 1.96 -25.68
C GLY B 86 -11.20 0.57 -26.05
N ASP B 87 -9.99 0.26 -25.64
CA ASP B 87 -9.40 -1.06 -25.79
C ASP B 87 -8.86 -1.56 -24.45
N SER B 88 -8.46 -2.83 -24.45
CA SER B 88 -7.79 -3.40 -23.29
C SER B 88 -6.49 -2.68 -22.98
N GLY B 89 -5.80 -2.15 -24.00
CA GLY B 89 -4.51 -1.52 -23.77
C GLY B 89 -4.55 -0.29 -22.88
N ARG B 90 -5.40 0.67 -23.20
CA ARG B 90 -5.47 1.92 -22.47
C ARG B 90 -6.79 2.11 -21.73
N GLY B 91 -7.71 1.18 -21.85
CA GLY B 91 -8.86 1.18 -20.97
C GLY B 91 -10.10 1.68 -21.65
N TYR B 92 -11.24 1.37 -21.03
CA TYR B 92 -12.53 1.77 -21.55
C TYR B 92 -13.08 2.94 -20.76
N TYR B 93 -13.76 3.87 -21.45
CA TYR B 93 -14.20 5.11 -20.86
C TYR B 93 -15.57 5.53 -21.37
N LEU B 94 -16.03 6.67 -20.88
CA LEU B 94 -17.40 7.12 -21.05
C LEU B 94 -17.44 8.64 -21.15
N GLU B 95 -18.37 9.17 -21.93
CA GLU B 95 -18.59 10.61 -21.99
C GLU B 95 -19.43 11.04 -20.79
N MET B 96 -18.92 12.00 -20.05
CA MET B 96 -19.62 12.57 -18.91
C MET B 96 -19.51 14.08 -18.99
N LEU B 97 -20.50 14.72 -18.39
CA LEU B 97 -20.69 16.16 -18.47
C LEU B 97 -20.72 16.74 -17.09
N ILE B 98 -19.74 17.57 -16.73
CA ILE B 98 -19.71 18.10 -15.41
C ILE B 98 -19.73 19.60 -15.44
N GLY B 99 -20.44 20.19 -14.47
CA GLY B 99 -20.55 21.62 -14.29
C GLY B 99 -21.62 22.47 -14.97
N THR B 100 -21.62 23.77 -14.67
CA THR B 100 -22.54 24.75 -15.26
C THR B 100 -21.78 25.97 -15.89
N PRO B 101 -21.42 25.91 -17.20
CA PRO B 101 -22.06 25.02 -18.15
C PRO B 101 -21.33 23.71 -18.18
N PRO B 102 -22.02 22.67 -18.63
CA PRO B 102 -21.41 21.33 -18.66
C PRO B 102 -20.15 21.31 -19.52
N GLN B 103 -19.12 20.67 -19.00
CA GLN B 103 -17.90 20.38 -19.75
C GLN B 103 -17.94 18.90 -20.07
N LYS B 104 -17.42 18.51 -21.24
CA LYS B 104 -17.49 17.12 -21.70
C LYS B 104 -16.10 16.50 -21.57
N LEU B 105 -16.06 15.31 -20.97
CA LEU B 105 -14.83 14.62 -20.63
C LEU B 105 -15.06 13.14 -20.84
N GLN B 106 -13.99 12.39 -20.84
CA GLN B 106 -14.04 10.95 -21.12
C GLN B 106 -13.37 10.25 -19.95
N ILE B 107 -14.13 9.39 -19.27
CA ILE B 107 -13.77 8.92 -17.93
C ILE B 107 -13.59 7.42 -17.90
N LEU B 108 -12.36 6.98 -17.63
CA LEU B 108 -12.08 5.56 -17.55
C LEU B 108 -13.02 4.89 -16.57
N VAL B 109 -13.34 3.64 -16.87
CA VAL B 109 -14.23 2.85 -16.04
C VAL B 109 -13.39 1.81 -15.35
N ASP B 110 -13.26 1.99 -14.04
CA ASP B 110 -12.38 1.22 -13.17
C ASP B 110 -13.17 0.59 -12.03
N THR B 111 -13.53 -0.66 -12.19
CA THR B 111 -14.07 -1.45 -11.10
C THR B 111 -12.98 -1.88 -10.13
N GLY B 112 -11.81 -1.26 -10.23
CA GLY B 112 -10.70 -1.57 -9.37
C GLY B 112 -10.47 -0.51 -8.31
N SER B 113 -10.99 0.69 -8.55
CA SER B 113 -10.84 1.80 -7.64
C SER B 113 -12.27 2.26 -7.28
N SER B 114 -12.35 3.18 -6.33
CA SER B 114 -13.62 3.76 -5.85
C SER B 114 -13.78 5.28 -5.87
N ASN B 115 -12.76 6.01 -6.24
CA ASN B 115 -12.78 7.46 -6.33
C ASN B 115 -13.04 7.84 -7.77
N PHE B 116 -13.96 8.78 -7.97
CA PHE B 116 -14.13 9.51 -9.21
C PHE B 116 -13.16 10.69 -9.26
N ALA B 117 -12.55 10.88 -10.40
CA ALA B 117 -11.61 11.99 -10.51
C ALA B 117 -11.37 12.35 -11.96
N VAL B 118 -11.06 13.62 -12.18
CA VAL B 118 -10.91 14.21 -13.49
C VAL B 118 -9.65 15.06 -13.50
N ALA B 119 -9.05 15.18 -14.68
CA ALA B 119 -7.92 16.06 -14.84
C ALA B 119 -8.38 17.47 -14.51
N GLY B 120 -8.04 17.95 -13.33
CA GLY B 120 -8.27 19.35 -13.02
C GLY B 120 -7.30 20.29 -13.72
N THR B 121 -6.27 19.77 -14.38
CA THR B 121 -5.30 20.65 -14.96
C THR B 121 -4.78 20.05 -16.27
N PRO B 122 -4.02 20.81 -17.07
CA PRO B 122 -3.56 20.29 -18.34
C PRO B 122 -2.39 19.31 -18.20
N HIS B 123 -2.22 18.54 -19.27
CA HIS B 123 -1.25 17.46 -19.41
C HIS B 123 -1.01 17.25 -20.90
N SER B 124 0.11 16.60 -21.23
CA SER B 124 0.51 16.47 -22.62
C SER B 124 -0.31 15.43 -23.35
N TYR B 125 -0.55 14.29 -22.69
CA TYR B 125 -1.22 13.15 -23.31
C TYR B 125 -2.74 13.28 -23.32
N ILE B 126 -3.32 14.14 -22.49
CA ILE B 126 -4.74 14.47 -22.56
C ILE B 126 -4.95 15.79 -23.30
N ASP B 127 -6.10 15.90 -23.95
CA ASP B 127 -6.43 17.00 -24.83
C ASP B 127 -7.22 18.08 -24.13
N THR B 128 -8.14 17.67 -23.23
CA THR B 128 -9.06 18.56 -22.55
C THR B 128 -9.07 18.26 -21.06
N TYR B 129 -9.35 19.30 -20.26
CA TYR B 129 -9.34 19.20 -18.82
C TYR B 129 -10.54 19.94 -18.23
N PHE B 130 -10.77 19.78 -16.93
CA PHE B 130 -11.84 20.42 -16.22
C PHE B 130 -11.34 21.73 -15.56
N ASP B 131 -12.22 22.70 -15.42
CA ASP B 131 -11.92 24.00 -14.84
C ASP B 131 -12.90 24.26 -13.71
N THR B 132 -12.44 24.14 -12.49
CA THR B 132 -13.27 24.34 -11.33
C THR B 132 -13.85 25.73 -11.25
N GLU B 133 -13.32 26.65 -12.03
CA GLU B 133 -13.79 28.03 -11.99
C GLU B 133 -14.71 28.38 -13.16
N ARG B 134 -14.64 27.67 -14.29
CA ARG B 134 -15.57 27.90 -15.38
C ARG B 134 -16.92 27.24 -15.14
N SER B 135 -17.05 26.43 -14.11
CA SER B 135 -18.33 25.82 -13.84
C SER B 135 -18.96 26.55 -12.70
N SER B 136 -20.11 27.15 -12.94
CA SER B 136 -20.78 27.89 -11.88
C SER B 136 -21.20 26.99 -10.74
N THR B 137 -21.60 25.78 -11.09
CA THR B 137 -22.04 24.83 -10.10
C THR B 137 -20.93 24.35 -9.20
N TYR B 138 -19.68 24.44 -9.64
CA TYR B 138 -18.60 23.92 -8.80
C TYR B 138 -18.46 24.59 -7.46
N ARG B 139 -18.30 23.77 -6.42
CA ARG B 139 -18.11 24.18 -5.05
C ARG B 139 -17.00 23.29 -4.49
N SER B 140 -16.21 23.78 -3.54
CA SER B 140 -15.12 22.97 -3.01
C SER B 140 -15.29 22.55 -1.58
N LYS B 141 -15.03 21.27 -1.35
CA LYS B 141 -15.14 20.72 -0.02
C LYS B 141 -13.94 21.20 0.75
N GLY B 142 -12.95 21.71 0.04
CA GLY B 142 -11.77 22.26 0.67
C GLY B 142 -10.57 21.49 1.12
N PHE B 143 -10.47 20.22 0.76
CA PHE B 143 -9.31 19.45 1.15
C PHE B 143 -8.87 18.62 0.00
N ASP B 144 -7.62 18.19 -0.02
CA ASP B 144 -7.15 17.36 -1.14
C ASP B 144 -6.86 15.94 -0.66
N VAL B 145 -6.64 15.04 -1.61
CA VAL B 145 -6.36 13.64 -1.28
C VAL B 145 -5.46 12.99 -2.33
N THR B 146 -4.54 12.14 -1.85
CA THR B 146 -3.62 11.43 -2.74
C THR B 146 -4.10 9.99 -2.90
N VAL B 147 -4.24 9.55 -4.15
CA VAL B 147 -4.70 8.21 -4.44
C VAL B 147 -3.64 7.49 -5.24
N LYS B 148 -3.12 6.39 -4.69
CA LYS B 148 -2.06 5.62 -5.33
C LYS B 148 -2.62 4.29 -5.85
N TYR B 149 -2.48 4.07 -7.14
CA TYR B 149 -2.94 2.85 -7.76
C TYR B 149 -1.77 2.01 -8.16
N THR B 150 -2.01 0.74 -8.43
CA THR B 150 -0.98 -0.17 -8.93
C THR B 150 -0.29 0.42 -10.14
N GLN B 151 -1.00 1.19 -10.94
CA GLN B 151 -0.42 2.01 -11.97
C GLN B 151 -0.62 3.47 -11.64
N GLY B 152 0.48 4.18 -11.46
CA GLY B 152 0.45 5.60 -11.34
C GLY B 152 -0.14 6.04 -10.02
N SER B 153 -0.35 7.36 -9.93
CA SER B 153 -1.07 7.98 -8.84
C SER B 153 -1.39 9.41 -9.19
N TRP B 154 -2.22 10.04 -8.36
CA TRP B 154 -2.59 11.44 -8.55
C TRP B 154 -3.03 12.01 -7.22
N THR B 155 -3.10 13.34 -7.17
CA THR B 155 -3.56 14.10 -6.01
C THR B 155 -4.36 15.29 -6.54
N GLY B 156 -5.47 15.64 -5.91
CA GLY B 156 -6.27 16.75 -6.41
C GLY B 156 -7.26 17.34 -5.42
N PHE B 157 -7.81 18.50 -5.76
CA PHE B 157 -8.78 19.19 -4.91
C PHE B 157 -10.03 18.37 -4.83
N VAL B 158 -10.71 18.42 -3.71
CA VAL B 158 -11.92 17.66 -3.56
C VAL B 158 -13.09 18.62 -3.61
N GLY B 159 -14.06 18.33 -4.46
CA GLY B 159 -15.21 19.21 -4.56
C GLY B 159 -16.44 18.42 -4.92
N GLU B 160 -17.57 19.10 -4.99
CA GLU B 160 -18.79 18.44 -5.38
C GLU B 160 -19.35 19.21 -6.54
N ASP B 161 -19.76 18.51 -7.59
CA ASP B 161 -20.34 19.17 -8.74
C ASP B 161 -21.48 18.33 -9.30
N LEU B 162 -22.18 18.88 -10.28
CA LEU B 162 -23.33 18.27 -10.94
C LEU B 162 -22.83 17.56 -12.19
N VAL B 163 -23.22 16.31 -12.36
CA VAL B 163 -22.74 15.52 -13.47
C VAL B 163 -23.87 14.91 -14.29
N THR B 164 -23.77 14.88 -15.61
CA THR B 164 -24.79 14.20 -16.39
C THR B 164 -24.16 13.32 -17.46
N ILE B 165 -24.71 12.12 -17.60
CA ILE B 165 -24.28 11.17 -18.61
C ILE B 165 -25.28 11.26 -19.76
N PRO B 166 -24.85 11.55 -20.98
CA PRO B 166 -25.81 11.64 -22.08
C PRO B 166 -26.56 10.34 -22.32
N LYS B 167 -25.86 9.23 -22.21
CA LYS B 167 -26.33 7.94 -22.66
C LYS B 167 -26.89 7.15 -21.48
N GLY B 168 -28.19 7.32 -21.25
CA GLY B 168 -28.92 6.55 -20.26
C GLY B 168 -29.58 7.37 -19.19
N PHE B 169 -29.38 8.69 -19.22
CA PHE B 169 -29.75 9.56 -18.13
C PHE B 169 -29.90 10.97 -18.67
N ASN B 170 -31.05 11.58 -18.44
CA ASN B 170 -31.27 12.96 -18.82
C ASN B 170 -31.34 13.87 -17.59
N THR B 171 -30.91 13.37 -16.44
CA THR B 171 -30.88 14.15 -15.22
C THR B 171 -29.45 14.22 -14.71
N SER B 172 -29.20 15.27 -13.95
CA SER B 172 -27.90 15.56 -13.37
C SER B 172 -27.88 15.06 -11.95
N PHE B 173 -26.71 14.58 -11.52
CA PHE B 173 -26.48 14.10 -10.18
C PHE B 173 -25.34 14.91 -9.60
N LEU B 174 -25.33 15.04 -8.29
CA LEU B 174 -24.31 15.81 -7.59
C LEU B 174 -23.38 14.86 -6.90
N VAL B 175 -22.13 14.83 -7.30
CA VAL B 175 -21.22 13.91 -6.69
C VAL B 175 -19.86 14.47 -6.37
N ASN B 176 -19.20 13.84 -5.42
CA ASN B 176 -17.88 14.23 -5.02
C ASN B 176 -17.01 14.01 -6.24
N ILE B 177 -16.15 14.98 -6.53
CA ILE B 177 -15.29 14.89 -7.69
C ILE B 177 -13.96 15.51 -7.36
N ALA B 178 -12.89 14.81 -7.72
CA ALA B 178 -11.50 15.25 -7.45
C ALA B 178 -10.84 15.87 -8.68
N THR B 179 -10.53 17.16 -8.62
CA THR B 179 -9.87 17.83 -9.72
C THR B 179 -8.38 17.70 -9.49
N ILE B 180 -7.74 16.87 -10.29
CA ILE B 180 -6.36 16.45 -10.17
C ILE B 180 -5.43 17.60 -10.53
N PHE B 181 -4.43 17.83 -9.69
CA PHE B 181 -3.41 18.83 -9.99
C PHE B 181 -1.96 18.31 -10.03
N GLU B 182 -1.69 17.08 -9.60
CA GLU B 182 -0.39 16.41 -9.76
C GLU B 182 -0.65 14.94 -10.08
N SER B 183 0.09 14.42 -11.05
CA SER B 183 0.02 13.01 -11.43
C SER B 183 1.42 12.49 -11.70
N GLU B 184 1.57 11.16 -11.61
CA GLU B 184 2.84 10.45 -11.78
C GLU B 184 2.49 9.12 -12.45
N ASN B 185 2.69 9.05 -13.78
CA ASN B 185 2.47 7.81 -14.57
C ASN B 185 1.04 7.31 -14.54
N PHE B 186 0.10 8.21 -14.32
CA PHE B 186 -1.31 7.86 -14.38
C PHE B 186 -1.89 8.10 -15.76
N PHE B 187 -1.71 9.28 -16.29
CA PHE B 187 -2.01 9.51 -17.69
C PHE B 187 -0.86 9.04 -18.57
N LEU B 188 -1.05 7.97 -19.27
CA LEU B 188 0.01 7.34 -20.01
C LEU B 188 0.03 7.87 -21.44
N PRO B 189 1.14 7.67 -22.16
CA PRO B 189 1.13 7.92 -23.59
C PRO B 189 0.16 6.97 -24.29
N GLY B 190 -0.82 7.56 -24.98
CA GLY B 190 -1.81 6.84 -25.73
C GLY B 190 -3.23 7.02 -25.25
N ILE B 191 -3.42 7.54 -24.06
CA ILE B 191 -4.72 7.47 -23.44
C ILE B 191 -5.62 8.52 -24.06
N LYS B 192 -6.91 8.22 -24.03
CA LYS B 192 -7.96 9.10 -24.51
C LYS B 192 -8.93 9.52 -23.42
N TRP B 193 -8.63 9.19 -22.17
CA TRP B 193 -9.51 9.47 -21.04
C TRP B 193 -8.87 10.59 -20.21
N ASN B 194 -9.72 11.45 -19.67
CA ASN B 194 -9.29 12.59 -18.86
C ASN B 194 -9.62 12.41 -17.38
N GLY B 195 -10.29 11.32 -17.03
CA GLY B 195 -10.65 11.06 -15.66
C GLY B 195 -10.81 9.57 -15.49
N ILE B 196 -11.16 9.19 -14.26
CA ILE B 196 -11.27 7.80 -13.85
C ILE B 196 -12.49 7.74 -12.99
N LEU B 197 -13.21 6.63 -13.08
CA LEU B 197 -14.49 6.46 -12.41
C LEU B 197 -14.40 5.16 -11.66
N GLY B 198 -14.34 5.27 -10.33
CA GLY B 198 -14.15 4.17 -9.41
C GLY B 198 -15.47 3.63 -8.93
N LEU B 199 -15.76 2.42 -9.39
CA LEU B 199 -17.04 1.77 -9.17
C LEU B 199 -16.94 0.57 -8.22
N ALA B 200 -16.04 0.63 -7.27
CA ALA B 200 -15.92 -0.44 -6.31
C ALA B 200 -16.65 -0.02 -5.03
N TYR B 201 -16.52 -0.76 -3.94
CA TYR B 201 -17.19 -0.40 -2.68
C TYR B 201 -16.65 0.86 -1.99
N ALA B 202 -17.30 1.30 -0.93
CA ALA B 202 -16.87 2.58 -0.36
C ALA B 202 -15.64 2.38 0.50
N THR B 203 -15.40 1.17 0.97
CA THR B 203 -14.25 0.98 1.82
C THR B 203 -12.96 1.29 1.09
N LEU B 204 -13.01 1.31 -0.24
CA LEU B 204 -11.84 1.60 -1.06
C LEU B 204 -11.72 3.07 -1.42
N ALA B 205 -12.65 3.89 -0.93
CA ALA B 205 -12.56 5.30 -1.22
C ALA B 205 -11.52 5.90 -0.31
N LYS B 206 -10.91 6.98 -0.81
CA LYS B 206 -9.94 7.78 -0.11
C LYS B 206 -10.46 9.21 -0.04
N PRO B 207 -10.24 9.91 1.09
CA PRO B 207 -9.59 9.61 2.36
C PRO B 207 -10.13 8.44 3.16
N SER B 208 -11.45 8.25 3.16
CA SER B 208 -12.06 7.24 3.99
C SER B 208 -13.24 6.62 3.27
N SER B 209 -13.88 5.64 3.94
CA SER B 209 -15.16 5.11 3.49
C SER B 209 -16.21 6.21 3.36
N SER B 210 -16.04 7.32 4.05
CA SER B 210 -16.97 8.43 4.23
C SER B 210 -17.11 9.34 3.02
N LEU B 211 -16.52 8.97 1.88
CA LEU B 211 -16.61 9.74 0.65
C LEU B 211 -17.50 9.03 -0.40
N GLU B 212 -18.71 9.60 -0.62
CA GLU B 212 -19.78 8.99 -1.38
C GLU B 212 -19.37 8.71 -2.81
N THR B 213 -19.10 7.44 -3.07
CA THR B 213 -18.73 7.02 -4.40
C THR B 213 -19.75 7.46 -5.44
N PHE B 214 -19.28 7.54 -6.67
CA PHE B 214 -20.12 8.02 -7.76
C PHE B 214 -21.38 7.16 -7.92
N PHE B 215 -21.21 5.84 -7.93
CA PHE B 215 -22.35 4.95 -8.06
C PHE B 215 -23.21 4.88 -6.80
N ASP B 216 -22.67 5.20 -5.63
CA ASP B 216 -23.52 5.26 -4.45
C ASP B 216 -24.36 6.53 -4.44
N SER B 217 -23.80 7.59 -4.94
CA SER B 217 -24.61 8.74 -5.08
C SER B 217 -25.64 8.48 -6.18
N LEU B 218 -25.20 7.88 -7.28
CA LEU B 218 -26.08 7.64 -8.41
C LEU B 218 -27.26 6.76 -8.05
N VAL B 219 -27.01 5.69 -7.30
CA VAL B 219 -28.12 4.87 -6.84
C VAL B 219 -29.04 5.67 -5.95
N THR B 220 -28.46 6.33 -4.93
CA THR B 220 -29.25 7.07 -3.95
C THR B 220 -30.08 8.16 -4.60
N GLN B 221 -29.40 9.05 -5.31
CA GLN B 221 -30.07 10.20 -5.87
C GLN B 221 -31.15 9.78 -6.85
N ALA B 222 -30.87 8.71 -7.61
CA ALA B 222 -31.87 8.12 -8.47
C ALA B 222 -32.73 7.09 -7.74
N ASN B 223 -33.63 6.46 -8.48
CA ASN B 223 -34.41 5.34 -7.97
C ASN B 223 -33.71 4.02 -8.26
N ILE B 224 -32.58 4.06 -8.96
CA ILE B 224 -32.14 2.87 -9.67
C ILE B 224 -31.64 1.83 -8.67
N PRO B 225 -31.34 0.61 -9.12
CA PRO B 225 -30.91 -0.42 -8.19
C PRO B 225 -29.42 -0.60 -8.20
N ASN B 226 -28.99 -1.55 -7.39
CA ASN B 226 -27.61 -1.67 -6.94
C ASN B 226 -26.89 -2.71 -7.74
N VAL B 227 -27.06 -2.60 -9.06
CA VAL B 227 -26.39 -3.45 -10.02
C VAL B 227 -25.87 -2.57 -11.13
N PHE B 228 -24.75 -2.99 -11.69
CA PHE B 228 -24.27 -2.45 -12.96
C PHE B 228 -23.48 -3.57 -13.63
N SER B 229 -23.25 -3.41 -14.91
CA SER B 229 -22.68 -4.49 -15.69
C SER B 229 -21.95 -3.90 -16.90
N MET B 230 -20.98 -4.65 -17.38
CA MET B 230 -20.10 -4.16 -18.42
C MET B 230 -20.06 -5.15 -19.55
N GLN B 231 -19.93 -4.60 -20.75
CA GLN B 231 -19.65 -5.36 -21.96
C GLN B 231 -18.48 -4.73 -22.71
N MET B 232 -17.43 -5.47 -22.92
CA MET B 232 -16.25 -4.91 -23.56
C MET B 232 -16.13 -5.63 -24.88
N CYS B 233 -16.11 -4.88 -25.95
CA CYS B 233 -16.20 -5.44 -27.31
C CYS B 233 -14.94 -5.22 -28.12
N GLY B 234 -13.78 -5.28 -27.48
CA GLY B 234 -12.51 -5.00 -28.11
C GLY B 234 -11.86 -6.27 -28.61
N ALA B 235 -10.75 -6.67 -28.01
CA ALA B 235 -9.96 -7.81 -28.51
C ALA B 235 -9.23 -7.47 -29.82
N GLY B 236 -8.79 -6.21 -29.94
CA GLY B 236 -7.98 -5.76 -31.07
C GLY B 236 -6.98 -4.72 -30.56
N LEU B 237 -5.81 -4.67 -31.19
CA LEU B 237 -4.63 -4.00 -30.58
C LEU B 237 -4.75 -2.66 -29.85
N ASN B 245 -12.94 -0.04 -31.44
CA ASN B 245 -14.33 -0.41 -31.14
C ASN B 245 -14.63 -0.24 -29.65
N GLY B 246 -15.90 -0.05 -29.31
CA GLY B 246 -16.27 0.32 -27.98
C GLY B 246 -16.81 -0.84 -27.15
N GLY B 247 -17.74 -0.51 -26.26
CA GLY B 247 -18.45 -1.47 -25.43
C GLY B 247 -19.65 -0.78 -24.80
N SER B 248 -20.17 -1.36 -23.73
CA SER B 248 -21.36 -0.82 -23.09
C SER B 248 -21.28 -0.93 -21.58
N LEU B 249 -21.86 0.05 -20.89
CA LEU B 249 -21.86 0.08 -19.44
C LEU B 249 -23.28 0.35 -18.95
N VAL B 250 -23.78 -0.54 -18.09
CA VAL B 250 -25.18 -0.54 -17.70
C VAL B 250 -25.28 -0.17 -16.24
N LEU B 251 -25.92 0.94 -16.00
CA LEU B 251 -26.08 1.45 -14.66
C LEU B 251 -27.51 1.23 -14.23
N GLY B 252 -27.67 0.34 -13.27
CA GLY B 252 -28.96 0.15 -12.67
C GLY B 252 -29.57 -1.04 -13.36
N GLY B 253 -28.76 -2.08 -13.57
CA GLY B 253 -29.34 -3.35 -13.94
C GLY B 253 -28.53 -4.09 -15.01
N ILE B 254 -29.28 -4.99 -15.71
CA ILE B 254 -28.73 -5.85 -16.76
C ILE B 254 -29.54 -5.71 -18.02
N GLU B 255 -28.85 -5.73 -19.16
CA GLU B 255 -29.44 -5.57 -20.47
C GLU B 255 -29.37 -6.89 -21.22
N PRO B 256 -30.49 -7.47 -21.65
CA PRO B 256 -30.46 -8.85 -22.13
C PRO B 256 -30.07 -8.97 -23.58
N SER B 257 -29.82 -7.83 -24.21
CA SER B 257 -29.40 -7.77 -25.60
C SER B 257 -27.90 -7.78 -25.78
N LEU B 258 -27.16 -7.73 -24.67
CA LEU B 258 -25.71 -7.81 -24.64
C LEU B 258 -25.24 -9.21 -24.32
N TYR B 259 -26.15 -10.14 -24.08
CA TYR B 259 -25.75 -11.50 -23.77
C TYR B 259 -26.72 -12.53 -24.33
N LYS B 260 -26.13 -13.69 -24.61
CA LYS B 260 -26.85 -14.88 -25.02
C LYS B 260 -26.67 -15.91 -23.93
N GLY B 261 -27.75 -16.59 -23.64
CA GLY B 261 -27.64 -17.75 -22.79
C GLY B 261 -27.86 -17.33 -21.39
N ASP B 262 -27.29 -18.11 -20.50
CA ASP B 262 -27.47 -17.96 -19.08
C ASP B 262 -26.34 -17.11 -18.52
N ILE B 263 -26.59 -16.57 -17.32
CA ILE B 263 -25.62 -15.85 -16.52
C ILE B 263 -25.20 -16.76 -15.39
N TRP B 264 -23.90 -16.97 -15.25
CA TRP B 264 -23.33 -17.66 -14.10
C TRP B 264 -22.78 -16.65 -13.11
N TYR B 265 -23.22 -16.79 -11.87
CA TYR B 265 -22.96 -15.82 -10.83
C TYR B 265 -22.03 -16.41 -9.80
N THR B 266 -21.07 -15.60 -9.35
CA THR B 266 -20.15 -16.03 -8.33
C THR B 266 -20.25 -15.05 -7.16
N PRO B 267 -20.19 -15.55 -5.92
CA PRO B 267 -20.37 -14.66 -4.79
C PRO B 267 -19.13 -13.82 -4.63
N ILE B 268 -19.34 -12.70 -3.92
CA ILE B 268 -18.35 -11.71 -3.62
C ILE B 268 -17.88 -12.03 -2.20
N LYS B 269 -16.63 -12.45 -2.05
CA LYS B 269 -16.12 -12.89 -0.75
C LYS B 269 -15.96 -11.74 0.24
N GLU B 270 -15.55 -10.56 -0.23
CA GLU B 270 -15.40 -9.42 0.67
C GLU B 270 -15.69 -8.11 -0.06
N GLU B 271 -16.38 -7.20 0.60
CA GLU B 271 -16.77 -5.93 -0.03
C GLU B 271 -15.81 -4.74 -0.01
N TRP B 272 -14.70 -4.85 -0.71
CA TRP B 272 -13.76 -3.73 -0.88
C TRP B 272 -13.63 -3.65 -2.40
N TYR B 273 -12.81 -4.52 -2.96
CA TYR B 273 -12.67 -4.71 -4.39
C TYR B 273 -13.67 -5.82 -4.75
N TYR B 274 -13.78 -6.17 -6.03
CA TYR B 274 -14.71 -7.25 -6.36
C TYR B 274 -14.01 -8.61 -6.16
N GLN B 275 -13.92 -9.02 -4.90
CA GLN B 275 -13.28 -10.27 -4.51
C GLN B 275 -14.19 -11.46 -4.78
N ILE B 276 -13.64 -12.49 -5.43
CA ILE B 276 -14.42 -13.67 -5.81
C ILE B 276 -13.60 -14.94 -5.59
N GLU B 277 -14.28 -16.07 -5.54
CA GLU B 277 -13.69 -17.34 -5.14
C GLU B 277 -13.27 -18.05 -6.41
N ILE B 278 -11.97 -18.32 -6.53
CA ILE B 278 -11.40 -18.90 -7.73
C ILE B 278 -10.82 -20.25 -7.39
N LEU B 279 -11.48 -21.28 -7.86
CA LEU B 279 -11.17 -22.63 -7.38
C LEU B 279 -9.90 -23.17 -8.05
N LYS B 280 -9.86 -23.25 -9.37
CA LYS B 280 -8.64 -23.74 -10.01
C LYS B 280 -8.51 -23.16 -11.41
N LEU B 281 -7.31 -23.30 -11.96
CA LEU B 281 -7.01 -22.91 -13.33
C LEU B 281 -6.55 -24.14 -14.10
N GLU B 282 -7.12 -24.31 -15.27
CA GLU B 282 -6.81 -25.45 -16.14
C GLU B 282 -6.34 -24.89 -17.47
N ILE B 283 -5.15 -25.30 -17.90
CA ILE B 283 -4.62 -24.80 -19.16
C ILE B 283 -4.95 -25.72 -20.33
N GLY B 284 -5.98 -25.32 -21.07
CA GLY B 284 -6.46 -26.03 -22.25
C GLY B 284 -7.12 -27.39 -22.03
N GLY B 285 -6.36 -28.37 -21.54
CA GLY B 285 -6.89 -29.68 -21.29
C GLY B 285 -6.65 -30.22 -19.88
N GLN B 286 -5.84 -29.53 -19.09
CA GLN B 286 -5.53 -30.00 -17.75
C GLN B 286 -5.36 -28.92 -16.68
N SER B 287 -5.56 -29.34 -15.44
CA SER B 287 -5.42 -28.48 -14.26
C SER B 287 -3.98 -28.13 -13.94
N LEU B 288 -3.80 -27.06 -13.17
CA LEU B 288 -2.49 -26.70 -12.67
C LEU B 288 -2.23 -27.45 -11.37
N ASN B 289 -0.95 -27.67 -11.10
CA ASN B 289 -0.55 -28.47 -9.95
C ASN B 289 -0.89 -27.78 -8.64
N LEU B 290 -0.95 -26.44 -8.63
CA LEU B 290 -1.03 -25.66 -7.41
C LEU B 290 -2.31 -25.94 -6.63
N ASP B 291 -2.49 -25.28 -5.49
CA ASP B 291 -3.58 -25.54 -4.56
C ASP B 291 -4.53 -24.35 -4.46
N CYS B 292 -5.84 -24.64 -4.36
CA CYS B 292 -6.92 -23.64 -4.33
C CYS B 292 -6.52 -22.36 -3.62
N ARG B 293 -5.59 -22.47 -2.68
CA ARG B 293 -5.23 -21.36 -1.84
C ARG B 293 -4.33 -20.37 -2.57
N GLU B 294 -3.36 -20.86 -3.36
CA GLU B 294 -2.38 -19.96 -3.99
C GLU B 294 -3.03 -19.02 -5.01
N TYR B 295 -4.18 -19.42 -5.57
CA TYR B 295 -4.89 -18.55 -6.50
C TYR B 295 -5.47 -17.33 -5.78
N ASN B 296 -6.19 -17.61 -4.70
CA ASN B 296 -6.85 -16.59 -3.91
C ASN B 296 -5.95 -15.99 -2.83
N ALA B 297 -4.67 -15.82 -3.12
CA ALA B 297 -3.79 -15.20 -2.15
C ALA B 297 -4.34 -13.78 -2.03
N ASP B 298 -4.55 -13.33 -0.79
CA ASP B 298 -5.14 -12.03 -0.54
C ASP B 298 -6.46 -11.99 -1.30
N LYS B 299 -6.66 -10.99 -2.15
CA LYS B 299 -7.91 -10.89 -2.91
C LYS B 299 -7.79 -11.04 -4.43
N ALA B 300 -8.60 -11.94 -5.00
CA ALA B 300 -8.66 -12.15 -6.44
C ALA B 300 -9.78 -11.21 -6.86
N ILE B 301 -9.50 -10.29 -7.77
CA ILE B 301 -10.50 -9.27 -8.11
C ILE B 301 -10.90 -9.14 -9.59
N VAL B 302 -11.93 -8.32 -9.84
CA VAL B 302 -12.44 -8.03 -11.16
C VAL B 302 -12.35 -6.54 -11.43
N ASP B 303 -11.48 -6.14 -12.34
CA ASP B 303 -10.94 -4.77 -12.34
C ASP B 303 -10.84 -4.30 -13.78
N SER B 304 -11.83 -3.52 -14.18
CA SER B 304 -11.87 -3.00 -15.52
C SER B 304 -10.72 -2.05 -15.79
N GLY B 305 -10.05 -1.60 -14.72
CA GLY B 305 -8.91 -0.71 -14.83
C GLY B 305 -7.58 -1.39 -15.15
N THR B 306 -7.45 -2.65 -14.86
CA THR B 306 -6.23 -3.38 -15.18
C THR B 306 -6.36 -4.02 -16.56
N THR B 307 -5.45 -3.65 -17.43
CA THR B 307 -5.47 -4.12 -18.79
C THR B 307 -5.52 -5.63 -18.84
N LEU B 308 -4.61 -6.25 -18.14
CA LEU B 308 -4.25 -7.62 -18.38
C LEU B 308 -4.80 -8.53 -17.32
N LEU B 309 -4.33 -9.74 -17.36
CA LEU B 309 -4.77 -10.79 -16.45
C LEU B 309 -3.55 -11.01 -15.57
N ARG B 310 -3.64 -10.50 -14.36
CA ARG B 310 -2.56 -10.65 -13.42
C ARG B 310 -2.84 -11.86 -12.56
N LEU B 311 -1.78 -12.54 -12.13
CA LEU B 311 -1.89 -13.72 -11.31
C LEU B 311 -0.70 -13.75 -10.38
N PRO B 312 -0.80 -14.45 -9.24
CA PRO B 312 0.39 -14.50 -8.39
C PRO B 312 1.61 -15.18 -9.00
N GLN B 313 2.74 -14.94 -8.38
CA GLN B 313 4.00 -15.38 -8.96
C GLN B 313 4.05 -16.89 -9.02
N LYS B 314 3.76 -17.57 -7.91
CA LYS B 314 3.83 -19.02 -7.92
C LYS B 314 2.84 -19.58 -8.92
N VAL B 315 1.79 -18.82 -9.20
CA VAL B 315 0.81 -19.17 -10.22
C VAL B 315 1.35 -18.86 -11.62
N PHE B 316 1.50 -17.59 -11.92
CA PHE B 316 2.04 -17.16 -13.21
C PHE B 316 3.08 -18.14 -13.73
N ASP B 317 4.01 -18.53 -12.85
CA ASP B 317 5.09 -19.42 -13.25
C ASP B 317 4.57 -20.78 -13.67
N ALA B 318 3.61 -21.33 -12.92
CA ALA B 318 3.00 -22.58 -13.34
C ALA B 318 2.33 -22.40 -14.70
N VAL B 319 1.46 -21.39 -14.79
CA VAL B 319 0.82 -21.07 -16.05
C VAL B 319 1.84 -20.97 -17.15
N VAL B 320 2.94 -20.29 -16.88
CA VAL B 320 3.95 -20.14 -17.92
C VAL B 320 4.45 -21.50 -18.37
N GLU B 321 4.93 -22.31 -17.41
CA GLU B 321 5.40 -23.65 -17.72
C GLU B 321 4.33 -24.44 -18.44
N ALA B 322 3.08 -24.22 -18.09
CA ALA B 322 2.00 -25.00 -18.69
C ALA B 322 1.70 -24.54 -20.12
N VAL B 323 1.40 -23.26 -20.29
CA VAL B 323 1.14 -22.70 -21.61
C VAL B 323 2.27 -23.00 -22.56
N ALA B 324 3.49 -23.02 -22.05
CA ALA B 324 4.63 -23.37 -22.90
C ALA B 324 4.55 -24.82 -23.33
N ARG B 325 4.37 -25.74 -22.38
CA ARG B 325 4.32 -27.16 -22.71
C ARG B 325 3.21 -27.50 -23.68
N ALA B 326 2.23 -26.60 -23.88
CA ALA B 326 1.11 -26.85 -24.79
C ALA B 326 1.47 -26.54 -26.23
N SER B 327 2.00 -25.35 -26.49
CA SER B 327 2.39 -24.93 -27.82
C SER B 327 3.87 -25.21 -28.02
N LEU B 328 4.22 -25.78 -29.18
CA LEU B 328 5.60 -26.25 -29.39
C LEU B 328 6.46 -25.06 -29.86
N ILE B 329 7.12 -24.40 -28.92
CA ILE B 329 8.07 -23.35 -29.27
C ILE B 329 9.31 -24.04 -29.81
N SER B 333 11.39 -18.02 -25.29
CA SER B 333 11.55 -16.57 -25.11
C SER B 333 11.33 -16.19 -23.65
N ASP B 334 12.38 -16.14 -22.81
CA ASP B 334 12.17 -15.85 -21.40
C ASP B 334 11.55 -14.47 -21.15
N GLY B 335 11.79 -13.51 -22.05
CA GLY B 335 11.22 -12.16 -21.89
C GLY B 335 9.81 -12.00 -22.45
N PHE B 336 9.39 -12.84 -23.38
CA PHE B 336 8.02 -12.79 -23.88
C PHE B 336 7.02 -12.72 -22.76
N TRP B 337 7.25 -13.50 -21.70
CA TRP B 337 6.29 -13.62 -20.61
C TRP B 337 6.15 -12.34 -19.79
N THR B 338 7.23 -11.60 -19.68
CA THR B 338 7.32 -10.39 -18.87
C THR B 338 7.19 -9.13 -19.72
N GLY B 339 6.91 -9.28 -21.01
CA GLY B 339 6.62 -8.13 -21.85
C GLY B 339 7.84 -7.37 -22.31
N SER B 340 9.02 -7.94 -22.09
CA SER B 340 10.27 -7.41 -22.61
C SER B 340 10.45 -7.74 -24.07
N GLN B 341 9.71 -8.73 -24.55
CA GLN B 341 9.79 -9.20 -25.91
C GLN B 341 8.40 -9.36 -26.48
N LEU B 342 8.38 -9.47 -27.79
CA LEU B 342 7.16 -9.69 -28.53
C LEU B 342 7.33 -10.89 -29.45
N ALA B 343 6.23 -11.54 -29.76
CA ALA B 343 6.19 -12.62 -30.71
C ALA B 343 5.55 -12.17 -32.02
N CYS B 344 6.15 -12.54 -33.18
CA CYS B 344 5.67 -12.01 -34.46
C CYS B 344 5.57 -13.03 -35.60
N TRP B 345 4.56 -12.82 -36.46
CA TRP B 345 4.21 -13.71 -37.58
C TRP B 345 3.81 -12.92 -38.83
N THR B 346 3.76 -13.61 -39.99
CA THR B 346 3.54 -12.98 -41.30
C THR B 346 2.27 -12.13 -41.40
N ASN B 347 2.44 -10.81 -41.42
CA ASN B 347 1.29 -9.87 -41.37
C ASN B 347 0.34 -10.04 -42.55
N GLU B 349 0.61 -16.95 -39.94
CA GLU B 349 -0.01 -15.63 -39.98
C GLU B 349 -0.79 -15.30 -38.70
N THR B 350 -1.48 -16.27 -38.11
CA THR B 350 -2.24 -16.04 -36.88
C THR B 350 -1.77 -17.03 -35.83
N PRO B 351 -1.29 -16.57 -34.68
CA PRO B 351 -0.69 -17.46 -33.69
C PRO B 351 -1.69 -18.23 -32.85
N TRP B 352 -2.97 -17.97 -33.04
CA TRP B 352 -3.96 -18.49 -32.11
C TRP B 352 -4.04 -20.01 -32.17
N SER B 353 -4.03 -20.58 -33.37
CA SER B 353 -3.93 -22.03 -33.53
C SER B 353 -2.97 -22.54 -32.45
N TYR B 354 -1.83 -21.85 -32.30
CA TYR B 354 -0.68 -22.43 -31.62
C TYR B 354 -0.86 -22.53 -30.12
N PHE B 355 -1.58 -21.60 -29.50
CA PHE B 355 -1.67 -21.56 -28.05
C PHE B 355 -2.89 -22.28 -27.50
N PRO B 356 -2.93 -22.49 -26.20
CA PRO B 356 -4.04 -23.24 -25.63
C PRO B 356 -5.16 -22.42 -25.04
N LYS B 357 -6.29 -23.05 -24.79
CA LYS B 357 -7.36 -22.41 -24.04
C LYS B 357 -6.87 -22.27 -22.59
N ILE B 358 -7.27 -21.17 -21.95
CA ILE B 358 -7.13 -21.02 -20.50
C ILE B 358 -8.52 -21.01 -19.87
N SER B 359 -8.72 -21.89 -18.87
CA SER B 359 -10.00 -22.10 -18.22
C SER B 359 -9.91 -21.70 -16.75
N ILE B 360 -10.77 -20.76 -16.33
CA ILE B 360 -10.79 -20.22 -14.97
C ILE B 360 -12.06 -20.66 -14.28
N TYR B 361 -11.94 -21.56 -13.31
CA TYR B 361 -13.07 -22.18 -12.63
C TYR B 361 -13.39 -21.40 -11.35
N LEU B 362 -14.63 -20.92 -11.22
CA LEU B 362 -15.05 -20.15 -10.07
C LEU B 362 -16.11 -20.89 -9.26
N ARG B 363 -16.32 -20.49 -8.01
CA ARG B 363 -17.41 -21.05 -7.23
C ARG B 363 -18.74 -20.42 -7.63
N ASP B 364 -19.81 -21.23 -7.65
CA ASP B 364 -21.14 -20.71 -7.85
C ASP B 364 -21.67 -20.08 -6.56
N GLU B 365 -22.86 -19.47 -6.63
CA GLU B 365 -23.46 -18.88 -5.44
C GLU B 365 -23.42 -19.86 -4.28
N ASN B 366 -23.47 -21.14 -4.63
CA ASN B 366 -23.44 -22.24 -3.69
C ASN B 366 -22.10 -22.97 -3.85
N SER B 367 -21.60 -23.50 -2.74
CA SER B 367 -20.32 -24.20 -2.72
C SER B 367 -20.29 -25.43 -3.62
N SER B 368 -21.42 -26.14 -3.68
CA SER B 368 -21.52 -27.36 -4.47
C SER B 368 -21.28 -27.19 -5.97
N ARG B 369 -21.79 -26.10 -6.55
CA ARG B 369 -21.64 -25.89 -7.98
C ARG B 369 -20.51 -24.94 -8.38
N SER B 370 -19.65 -25.42 -9.28
CA SER B 370 -18.51 -24.65 -9.78
C SER B 370 -18.62 -24.51 -11.31
N PHE B 371 -18.43 -23.30 -11.80
CA PHE B 371 -18.51 -23.03 -13.24
C PHE B 371 -17.16 -22.53 -13.76
N ARG B 372 -17.04 -22.39 -15.08
CA ARG B 372 -15.76 -21.95 -15.63
C ARG B 372 -15.94 -20.93 -16.74
N ILE B 373 -15.17 -19.85 -16.68
CA ILE B 373 -15.02 -18.96 -17.82
C ILE B 373 -13.68 -19.25 -18.46
N THR B 374 -13.69 -19.66 -19.71
CA THR B 374 -12.48 -20.04 -20.42
C THR B 374 -12.17 -18.94 -21.43
N ILE B 375 -10.89 -18.66 -21.64
CA ILE B 375 -10.48 -17.64 -22.60
C ILE B 375 -9.59 -18.29 -23.63
N LEU B 376 -9.84 -17.98 -24.87
CA LEU B 376 -9.02 -18.50 -25.93
C LEU B 376 -7.77 -17.66 -26.10
N PRO B 377 -6.75 -18.21 -26.75
CA PRO B 377 -5.54 -17.43 -26.98
C PRO B 377 -5.79 -16.03 -27.49
N GLN B 378 -6.83 -15.85 -28.31
CA GLN B 378 -7.12 -14.56 -28.91
C GLN B 378 -7.15 -13.45 -27.89
N LEU B 379 -7.66 -13.75 -26.69
CA LEU B 379 -7.76 -12.74 -25.65
C LEU B 379 -6.39 -12.43 -25.05
N TYR B 380 -5.69 -13.44 -24.59
CA TYR B 380 -4.48 -13.18 -23.82
C TYR B 380 -3.19 -13.12 -24.65
N ILE B 381 -3.23 -13.44 -25.92
CA ILE B 381 -2.13 -13.19 -26.83
C ILE B 381 -2.49 -11.92 -27.57
N GLN B 382 -1.99 -10.85 -27.10
CA GLN B 382 -2.50 -9.54 -27.46
C GLN B 382 -1.58 -8.88 -28.47
N PRO B 383 -2.11 -8.43 -29.61
CA PRO B 383 -1.28 -7.82 -30.64
C PRO B 383 -0.99 -6.36 -30.41
N MET B 384 0.21 -5.95 -30.79
CA MET B 384 0.63 -4.56 -30.63
C MET B 384 0.37 -3.75 -31.91
N GLU B 392 2.86 -8.56 -37.95
CA GLU B 392 2.26 -8.39 -36.63
C GLU B 392 3.01 -9.03 -35.47
N CYS B 393 3.18 -8.28 -34.38
CA CYS B 393 3.88 -8.73 -33.18
C CYS B 393 2.95 -8.67 -31.97
N TYR B 394 3.08 -9.66 -31.08
CA TYR B 394 2.15 -9.91 -29.99
C TYR B 394 2.84 -9.82 -28.63
N ARG B 395 2.07 -9.45 -27.62
CA ARG B 395 2.50 -9.47 -26.24
C ARG B 395 1.74 -10.56 -25.49
N PHE B 396 2.37 -11.12 -24.49
CA PHE B 396 1.66 -11.96 -23.56
C PHE B 396 0.76 -11.09 -22.69
N GLY B 397 -0.55 -11.24 -22.88
CA GLY B 397 -1.56 -10.48 -22.15
C GLY B 397 -1.83 -11.08 -20.79
N ILE B 398 -0.75 -11.56 -20.16
CA ILE B 398 -0.75 -12.00 -18.78
C ILE B 398 0.51 -11.57 -18.07
N SER B 399 0.34 -11.11 -16.84
CA SER B 399 1.37 -10.50 -16.03
C SER B 399 1.36 -11.10 -14.62
N PRO B 400 2.54 -11.21 -14.02
CA PRO B 400 2.60 -11.61 -12.61
C PRO B 400 2.37 -10.49 -11.61
N SER B 401 2.03 -10.90 -10.40
CA SER B 401 1.79 -9.99 -9.32
C SER B 401 2.12 -10.52 -7.95
N THR B 402 2.70 -9.67 -7.10
CA THR B 402 3.06 -10.07 -5.77
C THR B 402 1.92 -10.41 -4.85
N ASN B 403 0.86 -9.59 -4.85
CA ASN B 403 -0.20 -9.84 -3.88
C ASN B 403 -1.63 -10.17 -4.34
N ALA B 404 -1.97 -10.04 -5.62
CA ALA B 404 -3.35 -10.33 -5.98
C ALA B 404 -3.53 -10.95 -7.33
N LEU B 405 -4.65 -11.60 -7.55
CA LEU B 405 -4.90 -12.17 -8.85
C LEU B 405 -5.91 -11.25 -9.45
N VAL B 406 -5.61 -10.59 -10.54
CA VAL B 406 -6.57 -9.66 -11.07
C VAL B 406 -7.15 -10.08 -12.42
N ILE B 407 -8.47 -10.13 -12.52
CA ILE B 407 -9.17 -10.50 -13.72
C ILE B 407 -9.42 -9.17 -14.41
N GLY B 408 -8.47 -8.75 -15.25
CA GLY B 408 -8.55 -7.48 -15.92
C GLY B 408 -9.34 -7.57 -17.20
N ALA B 409 -9.23 -6.50 -18.00
CA ALA B 409 -10.07 -6.35 -19.17
C ALA B 409 -9.74 -7.34 -20.26
N THR B 410 -8.46 -7.73 -20.37
CA THR B 410 -8.12 -8.75 -21.34
C THR B 410 -9.03 -9.92 -21.21
N VAL B 411 -9.48 -10.21 -19.98
CA VAL B 411 -10.45 -11.27 -19.72
C VAL B 411 -11.88 -10.76 -19.79
N MET B 412 -12.23 -9.62 -19.13
CA MET B 412 -13.59 -9.08 -19.22
C MET B 412 -14.01 -8.84 -20.67
N GLU B 413 -13.05 -8.81 -21.59
CA GLU B 413 -13.25 -8.59 -23.00
C GLU B 413 -13.90 -9.77 -23.70
N GLY B 414 -13.95 -10.91 -23.05
CA GLY B 414 -14.52 -12.05 -23.71
C GLY B 414 -15.87 -12.43 -23.11
N PHE B 415 -16.27 -11.69 -22.09
CA PHE B 415 -17.57 -11.94 -21.49
C PHE B 415 -18.37 -10.66 -21.36
N TYR B 416 -19.40 -10.79 -20.55
CA TYR B 416 -20.35 -9.72 -20.22
C TYR B 416 -20.51 -9.82 -18.73
N VAL B 417 -20.18 -8.77 -18.02
CA VAL B 417 -19.86 -8.92 -16.61
C VAL B 417 -20.86 -8.12 -15.85
N ILE B 418 -21.54 -8.79 -14.93
CA ILE B 418 -22.58 -8.21 -14.09
C ILE B 418 -22.02 -8.00 -12.70
N PHE B 419 -22.11 -6.77 -12.21
CA PHE B 419 -21.68 -6.45 -10.87
C PHE B 419 -22.94 -6.25 -10.04
N ASP B 420 -23.46 -7.37 -9.55
CA ASP B 420 -24.62 -7.41 -8.66
C ASP B 420 -24.15 -7.01 -7.27
N ARG B 421 -24.45 -5.80 -6.85
CA ARG B 421 -24.09 -5.41 -5.50
C ARG B 421 -25.18 -5.75 -4.51
N ALA B 422 -26.43 -5.62 -4.94
CA ALA B 422 -27.62 -5.81 -4.12
C ALA B 422 -27.68 -7.21 -3.51
N GLN B 423 -27.36 -8.23 -4.29
CA GLN B 423 -26.81 -9.47 -3.77
C GLN B 423 -25.31 -9.37 -3.98
N LYS B 424 -24.55 -10.07 -3.18
CA LYS B 424 -23.11 -9.91 -3.31
C LYS B 424 -22.64 -10.98 -4.29
N ARG B 425 -22.62 -10.63 -5.59
CA ARG B 425 -22.23 -11.59 -6.62
C ARG B 425 -21.80 -10.87 -7.89
N VAL B 426 -20.99 -11.56 -8.69
CA VAL B 426 -20.50 -11.06 -9.97
C VAL B 426 -20.98 -12.02 -11.05
N GLY B 427 -21.64 -11.49 -12.07
CA GLY B 427 -22.22 -12.31 -13.13
C GLY B 427 -21.37 -12.31 -14.38
N PHE B 428 -21.27 -13.47 -15.00
CA PHE B 428 -20.52 -13.64 -16.22
C PHE B 428 -21.45 -14.27 -17.22
N ALA B 429 -21.71 -13.56 -18.32
CA ALA B 429 -22.45 -14.14 -19.41
C ALA B 429 -21.63 -13.99 -20.69
N ALA B 430 -22.06 -14.72 -21.70
CA ALA B 430 -21.47 -14.66 -23.02
C ALA B 430 -21.87 -13.41 -23.80
N SER B 431 -20.94 -12.91 -24.60
CA SER B 431 -21.00 -11.55 -25.14
C SER B 431 -20.97 -11.64 -26.65
N PRO B 432 -22.07 -11.35 -27.34
CA PRO B 432 -22.05 -11.45 -28.80
C PRO B 432 -20.91 -10.72 -29.44
N CYS B 433 -20.55 -9.60 -28.88
CA CYS B 433 -19.54 -8.74 -29.48
C CYS B 433 -18.12 -9.23 -29.27
N ALA B 434 -17.94 -10.22 -28.40
CA ALA B 434 -16.65 -10.82 -28.17
C ALA B 434 -16.17 -11.65 -29.34
N GLU B 435 -17.04 -12.04 -30.24
CA GLU B 435 -16.58 -12.75 -31.43
C GLU B 435 -15.52 -11.90 -32.15
N ILE B 436 -14.45 -12.57 -32.59
CA ILE B 436 -13.44 -12.08 -33.52
C ILE B 436 -13.64 -12.83 -34.83
N ALA B 437 -13.93 -12.10 -35.91
CA ALA B 437 -14.15 -12.72 -37.22
C ALA B 437 -15.26 -13.78 -37.15
N GLY B 438 -16.28 -13.54 -36.32
CA GLY B 438 -17.45 -14.39 -36.26
C GLY B 438 -17.34 -15.58 -35.33
N ALA B 439 -16.26 -15.66 -34.55
CA ALA B 439 -15.91 -16.83 -33.78
C ALA B 439 -15.60 -16.51 -32.33
N ALA B 440 -16.00 -17.43 -31.45
CA ALA B 440 -15.83 -17.27 -30.02
C ALA B 440 -14.37 -17.12 -29.63
N VAL B 441 -14.08 -16.15 -28.74
CA VAL B 441 -12.77 -16.08 -28.07
C VAL B 441 -12.82 -16.59 -26.64
N SER B 442 -13.99 -17.04 -26.20
CA SER B 442 -14.21 -17.50 -24.86
C SER B 442 -15.42 -18.41 -24.82
N GLU B 443 -15.49 -19.20 -23.77
CA GLU B 443 -16.60 -20.09 -23.57
C GLU B 443 -16.84 -20.19 -22.08
N ILE B 444 -18.11 -20.31 -21.70
CA ILE B 444 -18.52 -20.58 -20.32
C ILE B 444 -19.21 -21.93 -20.29
N SER B 445 -18.81 -22.79 -19.37
CA SER B 445 -19.44 -24.09 -19.19
C SER B 445 -19.58 -24.35 -17.71
N GLY B 446 -20.56 -25.19 -17.36
CA GLY B 446 -20.85 -25.51 -15.99
C GLY B 446 -22.35 -25.70 -15.89
N PRO B 447 -22.82 -26.05 -14.71
CA PRO B 447 -22.11 -26.16 -13.42
C PRO B 447 -21.26 -27.42 -13.25
N PHE B 448 -20.51 -27.52 -12.15
CA PHE B 448 -19.65 -28.68 -11.93
C PHE B 448 -19.79 -29.13 -10.47
N ASN B 456 -13.75 -23.00 1.28
CA ASN B 456 -13.72 -21.60 0.85
C ASN B 456 -12.33 -21.04 1.10
N CYS B 457 -11.68 -20.55 0.03
CA CYS B 457 -10.25 -20.21 0.03
C CYS B 457 -10.04 -18.71 0.23
N VAL B 458 -9.64 -18.35 1.46
CA VAL B 458 -9.35 -16.96 1.87
C VAL B 458 -7.86 -16.78 2.14
#